data_9UOZ
#
_entry.id   9UOZ
#
_cell.length_a   72.773
_cell.length_b   66.112
_cell.length_c   92.600
_cell.angle_alpha   90.000
_cell.angle_beta   103.432
_cell.angle_gamma   90.000
#
_symmetry.space_group_name_H-M   'P 1 21 1'
#
loop_
_entity.id
_entity.type
_entity.pdbx_description
1 polymer 'Cystatin B Stefin B'
2 water water
#
_entity_poly.entity_id   1
_entity_poly.type   'polypeptide(L)'
_entity_poly.pdbx_seq_one_letter_code
;MPMCGGLTTSVRPSNEDKQLLTPVVKDYIAQQLGREPSEVKITEVSRQIVNGTNHFLKVEHDGNCWHVRVHEALPCYGGK
VEVHSHKVASVGDPLTYFLEHHHHHH
;
_entity_poly.pdbx_strand_id   A,B,D,F,C,E,G,H
#
# COMPACT_ATOMS: atom_id res chain seq x y z
N PRO A 2 26.53 12.44 -5.58
CA PRO A 2 27.24 11.98 -4.34
C PRO A 2 27.45 13.10 -3.33
N MET A 3 26.97 14.32 -3.62
CA MET A 3 26.57 15.26 -2.58
C MET A 3 26.01 14.49 -1.37
N CYS A 4 24.97 13.67 -1.57
CA CYS A 4 24.36 12.92 -0.48
C CYS A 4 24.74 11.45 -0.58
N GLY A 5 24.34 10.65 0.40
CA GLY A 5 24.49 9.21 0.32
C GLY A 5 25.88 8.70 0.70
N GLY A 6 26.69 9.52 1.40
CA GLY A 6 27.92 9.04 2.01
C GLY A 6 27.62 8.30 3.31
N LEU A 7 28.53 7.43 3.75
CA LEU A 7 28.39 6.71 5.01
C LEU A 7 28.89 7.54 6.19
N THR A 8 28.17 7.47 7.31
CA THR A 8 28.63 8.12 8.52
C THR A 8 29.83 7.35 9.08
N THR A 9 30.59 8.02 9.96
CA THR A 9 31.74 7.41 10.63
C THR A 9 31.23 6.24 11.46
N SER A 10 31.91 5.08 11.37
CA SER A 10 31.53 3.91 12.13
C SER A 10 31.63 4.20 13.62
N VAL A 11 30.60 3.82 14.38
CA VAL A 11 30.57 4.04 15.81
C VAL A 11 30.00 2.79 16.46
N ARG A 12 30.12 2.72 17.79
CA ARG A 12 29.41 1.72 18.57
C ARG A 12 27.92 2.04 18.50
N PRO A 13 27.05 1.02 18.41
CA PRO A 13 25.63 1.27 18.24
C PRO A 13 25.01 1.83 19.51
N SER A 14 24.00 2.68 19.34
CA SER A 14 23.20 3.16 20.45
C SER A 14 22.27 2.02 20.92
N ASN A 15 21.57 2.28 22.02
CA ASN A 15 20.62 1.31 22.55
C ASN A 15 19.44 1.18 21.60
N GLU A 16 19.04 2.28 20.97
CA GLU A 16 17.99 2.26 19.96
C GLU A 16 18.38 1.38 18.78
N ASP A 17 19.63 1.55 18.30
CA ASP A 17 20.16 0.73 17.21
C ASP A 17 20.07 -0.75 17.58
N LYS A 18 20.54 -1.09 18.78
CA LYS A 18 20.57 -2.48 19.20
C LYS A 18 19.16 -3.06 19.25
N GLN A 19 18.19 -2.28 19.74
CA GLN A 19 16.83 -2.76 19.91
C GLN A 19 16.17 -2.99 18.56
N LEU A 20 16.37 -2.07 17.59
CA LEU A 20 15.77 -2.18 16.29
C LEU A 20 16.42 -3.31 15.47
N LEU A 21 17.78 -3.35 15.45
CA LEU A 21 18.48 -4.09 14.43
C LEU A 21 18.80 -5.51 14.89
N THR A 22 19.05 -5.73 16.19
CA THR A 22 19.57 -7.01 16.66
C THR A 22 18.61 -8.15 16.31
N PRO A 23 17.28 -8.04 16.60
CA PRO A 23 16.37 -9.14 16.31
C PRO A 23 16.35 -9.54 14.83
N VAL A 24 16.41 -8.53 13.96
CA VAL A 24 16.34 -8.73 12.53
C VAL A 24 17.59 -9.46 12.07
N VAL A 25 18.75 -9.05 12.58
CA VAL A 25 20.00 -9.68 12.20
C VAL A 25 20.06 -11.12 12.73
N LYS A 26 19.63 -11.30 13.97
CA LYS A 26 19.64 -12.60 14.62
C LYS A 26 18.80 -13.61 13.80
N ASP A 27 17.59 -13.19 13.41
CA ASP A 27 16.71 -14.04 12.61
C ASP A 27 17.35 -14.36 11.27
N TYR A 28 17.99 -13.38 10.64
CA TYR A 28 18.63 -13.58 9.35
C TYR A 28 19.77 -14.61 9.47
N ILE A 29 20.60 -14.50 10.51
CA ILE A 29 21.70 -15.43 10.71
C ILE A 29 21.13 -16.84 10.87
N ALA A 30 20.11 -16.98 11.71
CA ALA A 30 19.49 -18.27 11.97
C ALA A 30 19.05 -18.92 10.66
N GLN A 31 18.40 -18.15 9.79
CA GLN A 31 17.91 -18.68 8.53
C GLN A 31 19.04 -18.99 7.57
N GLN A 32 20.09 -18.17 7.56
CA GLN A 32 21.24 -18.42 6.70
C GLN A 32 21.97 -19.70 7.10
N LEU A 33 22.11 -19.95 8.41
CA LEU A 33 22.92 -21.08 8.87
C LEU A 33 22.07 -22.31 9.13
N GLY A 34 20.76 -22.15 9.27
CA GLY A 34 19.87 -23.24 9.60
C GLY A 34 19.95 -23.60 11.09
N ARG A 35 20.44 -22.67 11.91
CA ARG A 35 20.42 -22.88 13.34
C ARG A 35 20.58 -21.55 14.05
N GLU A 36 19.82 -21.44 15.14
CA GLU A 36 19.72 -20.20 15.89
C GLU A 36 21.05 -19.95 16.56
N PRO A 37 21.63 -18.74 16.45
CA PRO A 37 22.84 -18.41 17.21
C PRO A 37 22.54 -18.22 18.68
N SER A 38 23.57 -18.39 19.52
CA SER A 38 23.45 -18.19 20.95
C SER A 38 23.66 -16.72 21.32
N GLU A 39 24.79 -16.15 20.92
CA GLU A 39 25.11 -14.75 21.21
C GLU A 39 25.18 -14.01 19.89
N VAL A 40 24.49 -12.87 19.80
CA VAL A 40 24.53 -11.99 18.64
C VAL A 40 24.72 -10.58 19.15
N LYS A 41 25.81 -9.93 18.73
CA LYS A 41 26.17 -8.61 19.21
C LYS A 41 26.58 -7.74 18.01
N ILE A 42 25.90 -6.60 17.85
CA ILE A 42 26.34 -5.59 16.91
C ILE A 42 27.41 -4.75 17.58
N THR A 43 28.60 -4.66 16.99
CA THR A 43 29.72 -3.94 17.61
C THR A 43 30.00 -2.62 16.91
N GLU A 44 29.50 -2.43 15.69
CA GLU A 44 29.79 -1.24 14.92
C GLU A 44 28.66 -0.97 13.94
N VAL A 45 28.33 0.32 13.75
CA VAL A 45 27.30 0.72 12.80
C VAL A 45 27.78 1.92 12.00
N SER A 46 27.39 1.93 10.73
CA SER A 46 27.59 3.04 9.83
C SER A 46 26.34 3.21 8.99
N ARG A 47 25.86 4.45 8.77
CA ARG A 47 24.55 4.70 8.17
C ARG A 47 24.72 5.46 6.85
N GLN A 48 23.81 5.21 5.91
CA GLN A 48 23.79 5.84 4.61
C GLN A 48 22.35 6.21 4.26
N ILE A 49 22.07 7.47 3.96
CA ILE A 49 20.79 7.86 3.39
C ILE A 49 20.72 7.42 1.93
N VAL A 50 19.61 6.79 1.55
CA VAL A 50 19.43 6.31 0.18
C VAL A 50 18.12 6.82 -0.40
N ASN A 51 18.22 7.50 -1.53
CA ASN A 51 17.06 7.81 -2.34
C ASN A 51 17.33 7.23 -3.72
N GLY A 52 16.36 6.53 -4.30
CA GLY A 52 16.59 5.85 -5.56
C GLY A 52 15.37 5.02 -5.97
N THR A 53 15.59 4.03 -6.84
CA THR A 53 14.50 3.17 -7.25
C THR A 53 15.00 1.73 -7.34
N ASN A 54 14.15 0.80 -6.91
CA ASN A 54 14.36 -0.62 -7.19
C ASN A 54 13.67 -0.97 -8.51
N HIS A 55 14.41 -1.54 -9.45
CA HIS A 55 13.86 -2.03 -10.69
C HIS A 55 13.72 -3.54 -10.63
N PHE A 56 12.48 -4.01 -10.79
CA PHE A 56 12.25 -5.45 -10.96
C PHE A 56 12.19 -5.72 -12.45
N LEU A 57 13.02 -6.66 -12.91
CA LEU A 57 13.22 -6.90 -14.35
C LEU A 57 12.91 -8.34 -14.67
N LYS A 58 12.23 -8.55 -15.79
CA LYS A 58 12.18 -9.85 -16.44
C LYS A 58 13.25 -9.89 -17.52
N VAL A 59 14.13 -10.88 -17.42
CA VAL A 59 15.31 -10.93 -18.28
C VAL A 59 15.41 -12.31 -18.91
N GLU A 60 15.44 -12.35 -20.25
CA GLU A 60 15.53 -13.57 -21.01
C GLU A 60 16.93 -13.67 -21.58
N HIS A 61 17.56 -14.82 -21.35
CA HIS A 61 18.93 -15.05 -21.80
C HIS A 61 19.04 -16.52 -22.17
N ASP A 62 19.37 -16.77 -23.44
CA ASP A 62 19.67 -18.11 -23.96
C ASP A 62 18.57 -19.11 -23.57
N GLY A 63 17.31 -18.69 -23.69
CA GLY A 63 16.16 -19.56 -23.47
C GLY A 63 15.84 -19.78 -22.00
N ASN A 64 16.42 -18.98 -21.11
CA ASN A 64 16.05 -18.98 -19.70
C ASN A 64 15.46 -17.62 -19.33
N CYS A 65 14.70 -17.60 -18.25
CA CYS A 65 14.04 -16.39 -17.80
C CYS A 65 14.31 -16.23 -16.31
N TRP A 66 14.91 -15.09 -15.94
CA TRP A 66 15.13 -14.73 -14.54
C TRP A 66 14.38 -13.44 -14.24
N HIS A 67 13.88 -13.32 -13.01
CA HIS A 67 13.50 -12.03 -12.46
C HIS A 67 14.66 -11.51 -11.63
N VAL A 68 15.00 -10.24 -11.83
CA VAL A 68 16.20 -9.63 -11.28
C VAL A 68 15.80 -8.34 -10.58
N ARG A 69 16.35 -8.16 -9.39
CA ARG A 69 16.16 -6.96 -8.59
C ARG A 69 17.41 -6.08 -8.68
N VAL A 70 17.27 -4.91 -9.32
CA VAL A 70 18.37 -3.98 -9.43
C VAL A 70 18.04 -2.72 -8.64
N HIS A 71 18.96 -2.28 -7.77
N HIS A 71 18.96 -2.28 -7.78
CA HIS A 71 18.81 -1.00 -7.08
CA HIS A 71 18.81 -1.01 -7.07
C HIS A 71 19.60 0.07 -7.81
C HIS A 71 19.60 0.07 -7.80
N GLU A 72 18.95 1.22 -8.07
CA GLU A 72 19.62 2.37 -8.63
C GLU A 72 19.47 3.57 -7.70
N ALA A 73 20.57 4.00 -7.10
CA ALA A 73 20.59 5.23 -6.33
C ALA A 73 20.57 6.40 -7.30
N LEU A 74 19.88 7.49 -6.94
CA LEU A 74 19.89 8.71 -7.72
C LEU A 74 21.33 9.21 -7.82
N PRO A 75 21.70 9.93 -8.90
CA PRO A 75 23.06 10.47 -9.04
C PRO A 75 23.55 11.25 -7.83
N CYS A 76 22.69 12.10 -7.24
CA CYS A 76 23.11 12.91 -6.11
C CYS A 76 23.06 12.11 -4.80
N TYR A 77 22.74 10.82 -4.86
CA TYR A 77 22.91 9.93 -3.73
C TYR A 77 23.96 8.86 -4.02
N GLY A 78 24.85 9.13 -4.98
CA GLY A 78 26.00 8.26 -5.18
C GLY A 78 25.93 7.43 -6.48
N GLY A 79 24.72 7.30 -7.05
CA GLY A 79 24.60 6.82 -8.44
C GLY A 79 24.86 5.33 -8.63
N LYS A 80 25.02 4.55 -7.56
CA LYS A 80 25.32 3.14 -7.76
C LYS A 80 24.12 2.36 -8.32
N VAL A 81 24.43 1.46 -9.27
CA VAL A 81 23.43 0.60 -9.88
C VAL A 81 23.93 -0.81 -9.66
N GLU A 82 23.17 -1.63 -8.93
CA GLU A 82 23.66 -2.92 -8.47
C GLU A 82 22.50 -3.92 -8.48
N VAL A 83 22.82 -5.14 -8.90
CA VAL A 83 21.90 -6.25 -8.78
C VAL A 83 21.95 -6.73 -7.33
N HIS A 84 20.77 -6.90 -6.72
CA HIS A 84 20.71 -7.46 -5.38
C HIS A 84 20.42 -8.95 -5.37
N SER A 85 19.57 -9.39 -6.30
CA SER A 85 19.25 -10.81 -6.37
C SER A 85 18.44 -11.13 -7.61
N HIS A 86 18.26 -12.44 -7.79
CA HIS A 86 17.47 -12.96 -8.88
C HIS A 86 16.72 -14.20 -8.40
N LYS A 87 15.71 -14.57 -9.18
CA LYS A 87 15.12 -15.89 -9.11
C LYS A 87 14.81 -16.40 -10.52
N VAL A 88 14.85 -17.71 -10.69
CA VAL A 88 14.42 -18.33 -11.94
C VAL A 88 12.90 -18.20 -12.02
N ALA A 89 12.39 -17.81 -13.19
CA ALA A 89 10.96 -17.67 -13.37
C ALA A 89 10.54 -18.18 -14.75
N SER A 90 9.24 -18.19 -15.04
CA SER A 90 8.71 -18.44 -16.37
C SER A 90 8.47 -17.12 -17.10
N VAL A 91 8.37 -17.16 -18.44
CA VAL A 91 7.92 -16.00 -19.20
C VAL A 91 6.53 -15.58 -18.76
N GLY A 92 5.70 -16.56 -18.36
CA GLY A 92 4.33 -16.30 -17.95
C GLY A 92 4.20 -15.83 -16.50
N ASP A 93 5.27 -15.89 -15.69
CA ASP A 93 5.16 -15.48 -14.30
C ASP A 93 4.96 -13.98 -14.22
N PRO A 94 4.08 -13.50 -13.31
CA PRO A 94 3.99 -12.06 -13.09
C PRO A 94 5.26 -11.51 -12.44
N LEU A 95 5.62 -10.28 -12.83
CA LEU A 95 6.80 -9.63 -12.31
C LEU A 95 6.40 -8.91 -11.04
N THR A 96 6.72 -9.48 -9.89
CA THR A 96 6.31 -8.90 -8.62
C THR A 96 7.53 -8.67 -7.73
N TYR A 97 7.28 -7.93 -6.64
CA TYR A 97 8.27 -7.69 -5.61
C TYR A 97 8.81 -9.04 -5.13
N PHE A 98 10.13 -9.13 -4.96
CA PHE A 98 10.73 -10.25 -4.27
C PHE A 98 12.05 -9.77 -3.66
N LEU A 99 12.50 -10.55 -2.68
CA LEU A 99 13.82 -10.46 -2.12
C LEU A 99 14.21 -11.88 -1.78
N GLU A 100 15.29 -12.38 -2.42
CA GLU A 100 15.70 -13.78 -2.23
C GLU A 100 17.03 -13.87 -1.47
N HIS A 101 16.98 -14.56 -0.33
CA HIS A 101 18.13 -14.71 0.53
C HIS A 101 18.90 -16.01 0.29
N HIS A 102 18.29 -17.00 -0.34
CA HIS A 102 18.88 -18.34 -0.39
C HIS A 102 19.24 -18.78 1.03
N HIS A 103 18.26 -18.74 1.95
CA HIS A 103 18.41 -19.34 3.27
C HIS A 103 18.65 -20.86 3.17
N HIS A 104 19.12 -21.46 4.27
CA HIS A 104 19.51 -22.86 4.31
C HIS A 104 18.31 -23.81 4.16
N CYS B 4 2.44 11.78 6.03
CA CYS B 4 3.36 12.83 5.51
C CYS B 4 2.60 13.82 4.63
N GLY B 5 3.21 14.98 4.47
CA GLY B 5 2.70 15.98 3.54
C GLY B 5 1.63 16.86 4.17
N GLY B 6 1.41 16.85 5.49
CA GLY B 6 0.60 17.88 6.13
C GLY B 6 1.37 19.18 6.31
N LEU B 7 0.65 20.29 6.52
CA LEU B 7 1.26 21.56 6.87
C LEU B 7 1.55 21.67 8.36
N THR B 8 2.71 22.23 8.71
CA THR B 8 3.04 22.49 10.09
C THR B 8 2.18 23.65 10.59
N THR B 9 2.11 23.77 11.92
CA THR B 9 1.48 24.92 12.56
C THR B 9 2.19 26.20 12.14
N SER B 10 1.42 27.22 11.78
CA SER B 10 1.96 28.52 11.41
C SER B 10 2.80 29.09 12.56
N VAL B 11 3.97 29.63 12.22
CA VAL B 11 4.81 30.29 13.17
C VAL B 11 5.32 31.58 12.54
N ARG B 12 5.92 32.44 13.37
CA ARG B 12 6.64 33.58 12.88
C ARG B 12 7.89 33.06 12.20
N PRO B 13 8.36 33.69 11.11
CA PRO B 13 9.55 33.22 10.43
C PRO B 13 10.81 33.43 11.26
N SER B 14 11.75 32.50 11.11
CA SER B 14 13.05 32.61 11.73
C SER B 14 13.86 33.66 10.98
N ASN B 15 15.03 33.96 11.52
CA ASN B 15 15.91 34.95 10.90
C ASN B 15 16.45 34.39 9.59
N GLU B 16 16.69 33.06 9.57
CA GLU B 16 17.11 32.36 8.37
C GLU B 16 16.04 32.45 7.30
N ASP B 17 14.77 32.21 7.67
CA ASP B 17 13.64 32.33 6.75
C ASP B 17 13.62 33.72 6.14
N LYS B 18 13.74 34.76 6.96
CA LYS B 18 13.63 36.13 6.47
C LYS B 18 14.74 36.42 5.47
N GLN B 19 15.95 35.94 5.77
CA GLN B 19 17.11 36.23 4.93
C GLN B 19 17.01 35.52 3.60
N LEU B 20 16.59 34.26 3.62
CA LEU B 20 16.53 33.45 2.41
C LEU B 20 15.34 33.84 1.55
N LEU B 21 14.17 33.99 2.16
CA LEU B 21 12.91 34.03 1.42
C LEU B 21 12.51 35.45 1.06
N THR B 22 12.87 36.46 1.87
CA THR B 22 12.37 37.81 1.59
C THR B 22 12.81 38.30 0.20
N PRO B 23 14.10 38.18 -0.20
CA PRO B 23 14.55 38.61 -1.53
C PRO B 23 13.80 37.94 -2.67
N VAL B 24 13.49 36.65 -2.52
CA VAL B 24 12.81 35.89 -3.57
C VAL B 24 11.38 36.41 -3.72
N VAL B 25 10.72 36.67 -2.59
CA VAL B 25 9.35 37.16 -2.61
C VAL B 25 9.33 38.59 -3.16
N LYS B 26 10.29 39.41 -2.74
CA LYS B 26 10.39 40.80 -3.14
C LYS B 26 10.54 40.89 -4.66
N ASP B 27 11.42 40.08 -5.24
CA ASP B 27 11.65 40.03 -6.68
C ASP B 27 10.37 39.60 -7.39
N TYR B 28 9.66 38.61 -6.84
CA TYR B 28 8.42 38.15 -7.46
C TYR B 28 7.36 39.26 -7.47
N ILE B 29 7.21 39.97 -6.36
CA ILE B 29 6.23 41.05 -6.27
C ILE B 29 6.59 42.11 -7.32
N ALA B 30 7.87 42.49 -7.39
CA ALA B 30 8.34 43.50 -8.32
C ALA B 30 7.95 43.13 -9.75
N GLN B 31 8.16 41.87 -10.14
CA GLN B 31 7.83 41.43 -11.47
C GLN B 31 6.31 41.39 -11.70
N GLN B 32 5.55 40.98 -10.69
CA GLN B 32 4.10 40.91 -10.82
C GLN B 32 3.51 42.33 -10.98
N LEU B 33 4.03 43.32 -10.24
CA LEU B 33 3.41 44.63 -10.21
C LEU B 33 4.11 45.60 -11.16
N GLY B 34 5.31 45.25 -11.63
CA GLY B 34 6.05 46.11 -12.53
C GLY B 34 6.75 47.25 -11.79
N ARG B 35 6.91 47.11 -10.47
CA ARG B 35 7.70 48.06 -9.72
C ARG B 35 8.07 47.47 -8.36
N GLU B 36 9.26 47.83 -7.90
CA GLU B 36 9.83 47.30 -6.67
C GLU B 36 8.99 47.80 -5.49
N PRO B 37 8.58 46.92 -4.57
CA PRO B 37 7.96 47.36 -3.32
C PRO B 37 8.97 48.02 -2.39
N SER B 38 8.47 48.88 -1.48
CA SER B 38 9.28 49.56 -0.51
C SER B 38 9.48 48.70 0.73
N GLU B 39 8.39 48.23 1.33
CA GLU B 39 8.45 47.42 2.54
C GLU B 39 7.88 46.04 2.22
N VAL B 40 8.61 44.97 2.56
CA VAL B 40 8.17 43.60 2.39
C VAL B 40 8.46 42.86 3.68
N LYS B 41 7.45 42.28 4.32
CA LYS B 41 7.60 41.62 5.60
C LYS B 41 6.86 40.28 5.58
N ILE B 42 7.57 39.18 5.85
CA ILE B 42 6.94 37.89 6.04
C ILE B 42 6.47 37.83 7.49
N THR B 43 5.16 37.61 7.75
CA THR B 43 4.67 37.64 9.12
C THR B 43 4.35 36.24 9.65
N GLU B 44 4.20 35.27 8.75
CA GLU B 44 3.77 33.93 9.15
C GLU B 44 4.29 32.93 8.11
N VAL B 45 4.64 31.72 8.55
CA VAL B 45 5.09 30.67 7.66
C VAL B 45 4.50 29.34 8.13
N SER B 46 4.08 28.53 7.17
CA SER B 46 3.66 27.15 7.42
C SER B 46 4.31 26.28 6.34
N ARG B 47 4.87 25.13 6.74
CA ARG B 47 5.73 24.36 5.85
C ARG B 47 5.10 23.02 5.54
N GLN B 48 5.30 22.57 4.31
CA GLN B 48 4.82 21.27 3.89
C GLN B 48 5.96 20.54 3.20
N ILE B 49 6.34 19.37 3.73
CA ILE B 49 7.27 18.50 3.02
C ILE B 49 6.55 17.86 1.85
N VAL B 50 7.14 17.92 0.65
CA VAL B 50 6.53 17.33 -0.53
C VAL B 50 7.62 16.54 -1.25
N ASN B 51 7.29 15.27 -1.53
CA ASN B 51 8.05 14.44 -2.44
C ASN B 51 7.15 14.07 -3.60
N GLY B 52 7.65 14.13 -4.82
CA GLY B 52 6.81 13.91 -5.98
C GLY B 52 7.58 14.05 -7.29
N THR B 53 6.87 14.28 -8.38
CA THR B 53 7.51 14.45 -9.68
C THR B 53 6.82 15.59 -10.43
N ASN B 54 7.63 16.40 -11.10
CA ASN B 54 7.14 17.36 -12.07
C ASN B 54 7.09 16.70 -13.43
N HIS B 55 5.93 16.76 -14.09
CA HIS B 55 5.79 16.35 -15.47
C HIS B 55 5.75 17.61 -16.36
N PHE B 56 6.74 17.74 -17.23
CA PHE B 56 6.75 18.81 -18.22
C PHE B 56 6.14 18.26 -19.50
N LEU B 57 5.11 18.92 -20.01
CA LEU B 57 4.29 18.41 -21.10
C LEU B 57 4.30 19.42 -22.23
N LYS B 58 4.39 18.92 -23.46
CA LYS B 58 4.06 19.69 -24.64
C LYS B 58 2.65 19.30 -25.06
N VAL B 59 1.76 20.30 -25.14
CA VAL B 59 0.34 20.04 -25.32
C VAL B 59 -0.15 20.88 -26.50
N GLU B 60 -0.81 20.21 -27.45
CA GLU B 60 -1.45 20.86 -28.59
C GLU B 60 -2.96 20.84 -28.34
N HIS B 61 -3.58 22.02 -28.47
CA HIS B 61 -5.01 22.15 -28.30
C HIS B 61 -5.50 23.20 -29.28
N ASP B 62 -6.38 22.78 -30.20
CA ASP B 62 -7.08 23.67 -31.10
C ASP B 62 -6.11 24.59 -31.84
N GLY B 63 -4.99 24.03 -32.30
CA GLY B 63 -4.04 24.75 -33.12
C GLY B 63 -3.11 25.66 -32.32
N ASN B 64 -3.09 25.51 -30.99
CA ASN B 64 -2.11 26.21 -30.15
C ASN B 64 -1.24 25.17 -29.44
N CYS B 65 -0.06 25.63 -29.02
CA CYS B 65 0.89 24.77 -28.35
C CYS B 65 1.33 25.45 -27.05
N TRP B 66 1.11 24.74 -25.93
CA TRP B 66 1.58 25.17 -24.63
C TRP B 66 2.58 24.15 -24.08
N HIS B 67 3.55 24.63 -23.31
CA HIS B 67 4.25 23.78 -22.36
C HIS B 67 3.57 23.93 -21.01
N VAL B 68 3.35 22.80 -20.33
CA VAL B 68 2.62 22.79 -19.06
C VAL B 68 3.44 21.99 -18.05
N ARG B 69 3.55 22.57 -16.84
CA ARG B 69 4.23 21.96 -15.72
C ARG B 69 3.20 21.42 -14.76
N VAL B 70 3.13 20.10 -14.62
CA VAL B 70 2.17 19.45 -13.76
C VAL B 70 2.92 18.74 -12.63
N HIS B 71 2.55 19.06 -11.39
CA HIS B 71 3.17 18.43 -10.22
C HIS B 71 2.29 17.27 -9.76
N GLU B 72 2.92 16.13 -9.51
CA GLU B 72 2.26 14.97 -8.95
C GLU B 72 2.94 14.57 -7.65
N ALA B 73 2.27 14.78 -6.51
CA ALA B 73 2.78 14.35 -5.22
C ALA B 73 2.65 12.83 -5.14
N LEU B 74 3.62 12.19 -4.47
CA LEU B 74 3.53 10.76 -4.20
C LEU B 74 2.27 10.50 -3.38
N PRO B 75 1.71 9.27 -3.44
CA PRO B 75 0.56 8.90 -2.61
C PRO B 75 0.71 9.19 -1.13
N CYS B 76 1.91 8.93 -0.57
CA CYS B 76 2.13 9.14 0.85
C CYS B 76 2.33 10.62 1.19
N TYR B 77 2.34 11.49 0.16
CA TYR B 77 2.40 12.92 0.39
C TYR B 77 1.11 13.59 -0.09
N GLY B 78 0.02 12.81 -0.22
CA GLY B 78 -1.29 13.39 -0.46
C GLY B 78 -1.81 13.14 -1.87
N GLY B 79 -0.93 12.76 -2.81
CA GLY B 79 -1.36 12.31 -4.13
C GLY B 79 -1.91 13.43 -5.04
N LYS B 80 -1.83 14.71 -4.66
CA LYS B 80 -2.40 15.75 -5.50
C LYS B 80 -1.66 15.91 -6.83
N VAL B 81 -2.45 16.16 -7.87
CA VAL B 81 -1.98 16.40 -9.22
C VAL B 81 -2.48 17.78 -9.62
N GLU B 82 -1.56 18.71 -9.92
CA GLU B 82 -1.89 20.12 -10.09
C GLU B 82 -1.02 20.73 -11.17
N VAL B 83 -1.60 21.66 -11.94
CA VAL B 83 -0.77 22.41 -12.88
C VAL B 83 -0.14 23.57 -12.12
N HIS B 84 1.18 23.74 -12.26
CA HIS B 84 1.90 24.78 -11.55
C HIS B 84 2.27 25.94 -12.47
N SER B 85 2.39 25.73 -13.79
CA SER B 85 2.44 26.83 -14.72
C SER B 85 2.34 26.34 -16.16
N HIS B 86 2.22 27.32 -17.07
CA HIS B 86 2.23 27.05 -18.49
C HIS B 86 2.90 28.22 -19.20
N LYS B 87 3.33 27.95 -20.43
CA LYS B 87 3.85 28.98 -21.33
C LYS B 87 3.39 28.64 -22.74
N VAL B 88 3.13 29.70 -23.52
CA VAL B 88 2.88 29.54 -24.94
C VAL B 88 4.21 29.18 -25.58
N ALA B 89 4.21 28.18 -26.47
CA ALA B 89 5.44 27.75 -27.11
C ALA B 89 5.15 27.43 -28.58
N SER B 90 6.21 27.25 -29.39
CA SER B 90 6.05 26.72 -30.73
C SER B 90 6.28 25.22 -30.69
N VAL B 91 5.70 24.51 -31.69
CA VAL B 91 5.82 23.07 -31.80
C VAL B 91 7.29 22.66 -31.86
N GLY B 92 8.16 23.49 -32.42
CA GLY B 92 9.56 23.15 -32.58
C GLY B 92 10.42 23.44 -31.34
N ASP B 93 9.86 24.09 -30.32
CA ASP B 93 10.64 24.45 -29.15
C ASP B 93 11.01 23.18 -28.39
N PRO B 94 12.24 23.06 -27.83
CA PRO B 94 12.54 21.95 -26.93
C PRO B 94 11.74 22.03 -25.64
N LEU B 95 11.37 20.88 -25.11
CA LEU B 95 10.64 20.78 -23.84
C LEU B 95 11.69 20.77 -22.74
N THR B 96 11.85 21.91 -22.05
CA THR B 96 12.83 22.00 -20.98
C THR B 96 12.15 22.48 -19.71
N TYR B 97 12.89 22.43 -18.61
CA TYR B 97 12.45 22.96 -17.32
C TYR B 97 12.06 24.42 -17.52
N PHE B 98 10.93 24.84 -16.94
CA PHE B 98 10.54 26.24 -17.01
C PHE B 98 9.64 26.55 -15.81
N LEU B 99 9.58 27.84 -15.51
CA LEU B 99 8.57 28.41 -14.63
C LEU B 99 8.21 29.77 -15.23
N GLU B 100 6.93 29.94 -15.61
CA GLU B 100 6.44 31.21 -16.12
C GLU B 100 5.46 31.83 -15.13
N HIS B 101 5.75 33.09 -14.76
CA HIS B 101 4.87 33.91 -13.94
C HIS B 101 4.17 34.92 -14.84
N PRO C 2 -2.12 7.06 0.77
CA PRO C 2 -1.60 5.79 1.39
C PRO C 2 -0.07 5.79 1.44
N MET C 3 0.47 4.67 1.90
CA MET C 3 1.92 4.52 2.03
C MET C 3 2.54 4.33 0.65
N CYS C 4 3.79 4.80 0.50
CA CYS C 4 4.52 4.71 -0.75
C CYS C 4 5.29 3.39 -0.86
N GLY C 5 5.96 3.20 -1.99
CA GLY C 5 6.80 2.04 -2.19
C GLY C 5 6.00 0.85 -2.70
N GLY C 6 4.85 1.10 -3.34
CA GLY C 6 4.25 0.13 -4.25
C GLY C 6 4.98 0.07 -5.59
N LEU C 7 4.81 -1.03 -6.31
CA LEU C 7 5.38 -1.21 -7.64
C LEU C 7 4.53 -0.55 -8.72
N THR C 8 5.19 0.08 -9.70
CA THR C 8 4.47 0.63 -10.84
C THR C 8 3.99 -0.52 -11.73
N THR C 9 3.04 -0.18 -12.61
CA THR C 9 2.54 -1.06 -13.65
C THR C 9 3.69 -1.48 -14.54
N SER C 10 3.75 -2.79 -14.83
CA SER C 10 4.76 -3.36 -15.71
C SER C 10 4.68 -2.72 -17.08
N VAL C 11 5.84 -2.38 -17.64
CA VAL C 11 5.92 -1.87 -18.99
C VAL C 11 7.12 -2.54 -19.68
N ARG C 12 7.16 -2.42 -21.00
CA ARG C 12 8.35 -2.79 -21.76
C ARG C 12 9.38 -1.70 -21.48
N PRO C 13 10.68 -2.03 -21.32
CA PRO C 13 11.66 -1.03 -20.94
C PRO C 13 11.91 -0.01 -22.03
N SER C 14 12.15 1.24 -21.63
CA SER C 14 12.52 2.31 -22.53
C SER C 14 13.97 2.10 -22.97
N ASN C 15 14.42 2.93 -23.91
CA ASN C 15 15.80 2.84 -24.38
C ASN C 15 16.75 3.26 -23.27
N GLU C 16 16.35 4.23 -22.45
CA GLU C 16 17.15 4.64 -21.30
C GLU C 16 17.32 3.48 -20.32
N ASP C 17 16.20 2.77 -20.03
CA ASP C 17 16.23 1.60 -19.18
C ASP C 17 17.23 0.59 -19.71
N LYS C 18 17.14 0.27 -21.01
CA LYS C 18 17.99 -0.76 -21.58
C LYS C 18 19.45 -0.37 -21.48
N GLN C 19 19.76 0.92 -21.69
CA GLN C 19 21.14 1.38 -21.69
C GLN C 19 21.73 1.32 -20.30
N LEU C 20 20.96 1.74 -19.28
CA LEU C 20 21.43 1.72 -17.91
C LEU C 20 21.55 0.29 -17.35
N LEU C 21 20.51 -0.54 -17.57
CA LEU C 21 20.34 -1.77 -16.82
C LEU C 21 21.00 -2.96 -17.50
N THR C 22 21.03 -2.99 -18.84
CA THR C 22 21.46 -4.19 -19.55
C THR C 22 22.89 -4.58 -19.17
N PRO C 23 23.88 -3.64 -19.19
CA PRO C 23 25.25 -4.01 -18.84
C PRO C 23 25.40 -4.61 -17.46
N VAL C 24 24.66 -4.07 -16.49
CA VAL C 24 24.74 -4.49 -15.11
C VAL C 24 24.18 -5.91 -14.99
N VAL C 25 23.07 -6.18 -15.67
CA VAL C 25 22.45 -7.49 -15.63
C VAL C 25 23.34 -8.51 -16.33
N LYS C 26 23.88 -8.13 -17.49
CA LYS C 26 24.73 -9.00 -18.29
C LYS C 26 25.94 -9.47 -17.48
N ASP C 27 26.61 -8.51 -16.81
CA ASP C 27 27.76 -8.82 -15.97
C ASP C 27 27.35 -9.76 -14.83
N TYR C 28 26.20 -9.51 -14.21
CA TYR C 28 25.75 -10.33 -13.10
C TYR C 28 25.49 -11.77 -13.55
N ILE C 29 24.84 -11.94 -14.71
CA ILE C 29 24.56 -13.27 -15.21
C ILE C 29 25.88 -14.00 -15.46
N ALA C 30 26.81 -13.33 -16.13
CA ALA C 30 28.11 -13.89 -16.44
C ALA C 30 28.80 -14.42 -15.18
N GLN C 31 28.79 -13.63 -14.10
CA GLN C 31 29.41 -14.04 -12.85
C GLN C 31 28.66 -15.19 -12.20
N GLN C 32 27.32 -15.18 -12.27
CA GLN C 32 26.54 -16.24 -11.67
C GLN C 32 26.78 -17.56 -12.40
N LEU C 33 26.88 -17.54 -13.73
CA LEU C 33 26.93 -18.77 -14.51
C LEU C 33 28.37 -19.16 -14.82
N GLY C 34 29.32 -18.24 -14.68
CA GLY C 34 30.71 -18.50 -14.96
C GLY C 34 31.00 -18.45 -16.47
N ARG C 35 30.11 -17.82 -17.23
CA ARG C 35 30.35 -17.60 -18.64
C ARG C 35 29.38 -16.55 -19.16
N GLU C 36 29.85 -15.73 -20.11
CA GLU C 36 29.09 -14.65 -20.68
C GLU C 36 27.89 -15.21 -21.44
N PRO C 37 26.66 -14.71 -21.19
CA PRO C 37 25.50 -15.14 -21.96
C PRO C 37 25.52 -14.59 -23.38
N SER C 38 24.83 -15.26 -24.29
CA SER C 38 24.83 -14.91 -25.70
C SER C 38 23.74 -13.87 -26.00
N GLU C 39 22.50 -14.19 -25.63
CA GLU C 39 21.39 -13.26 -25.77
C GLU C 39 20.90 -12.85 -24.39
N VAL C 40 20.84 -11.54 -24.14
CA VAL C 40 20.23 -11.00 -22.94
C VAL C 40 19.28 -9.89 -23.37
N LYS C 41 17.99 -10.05 -23.02
CA LYS C 41 16.98 -9.07 -23.33
C LYS C 41 16.14 -8.81 -22.07
N ILE C 42 16.01 -7.53 -21.70
CA ILE C 42 15.06 -7.16 -20.67
C ILE C 42 13.70 -7.00 -21.34
N THR C 43 12.68 -7.75 -20.90
CA THR C 43 11.40 -7.78 -21.62
C THR C 43 10.32 -7.01 -20.88
N GLU C 44 10.50 -6.77 -19.58
CA GLU C 44 9.46 -6.18 -18.75
C GLU C 44 10.14 -5.54 -17.53
N VAL C 45 9.59 -4.42 -17.06
CA VAL C 45 10.17 -3.68 -15.96
C VAL C 45 9.03 -3.14 -15.10
N SER C 46 9.25 -3.12 -13.80
CA SER C 46 8.36 -2.52 -12.82
C SER C 46 9.24 -1.87 -11.76
N ARG C 47 8.89 -0.66 -11.31
CA ARG C 47 9.77 0.14 -10.46
C ARG C 47 9.14 0.31 -9.09
N GLN C 48 10.00 0.42 -8.07
CA GLN C 48 9.60 0.79 -6.73
C GLN C 48 10.50 1.91 -6.23
N ILE C 49 9.89 3.00 -5.74
CA ILE C 49 10.60 4.10 -5.14
C ILE C 49 11.23 3.64 -3.81
N VAL C 50 12.45 4.12 -3.58
CA VAL C 50 13.15 3.86 -2.33
C VAL C 50 13.54 5.16 -1.63
N ASN C 51 13.10 5.29 -0.40
CA ASN C 51 13.54 6.38 0.45
C ASN C 51 13.77 5.75 1.80
N GLY C 52 15.03 5.72 2.27
CA GLY C 52 15.29 5.21 3.60
C GLY C 52 16.78 5.30 3.94
N THR C 53 17.26 4.41 4.81
CA THR C 53 18.66 4.39 5.15
C THR C 53 19.18 2.95 5.14
N ASN C 54 20.40 2.80 4.59
CA ASN C 54 21.14 1.57 4.72
C ASN C 54 21.97 1.63 5.99
N HIS C 55 21.81 0.63 6.86
CA HIS C 55 22.65 0.44 8.02
C HIS C 55 23.68 -0.64 7.73
N PHE C 56 24.96 -0.30 7.73
CA PHE C 56 26.03 -1.27 7.64
C PHE C 56 26.46 -1.63 9.06
N LEU C 57 26.48 -2.91 9.38
CA LEU C 57 26.64 -3.41 10.73
C LEU C 57 27.82 -4.38 10.75
N LYS C 58 28.67 -4.29 11.78
CA LYS C 58 29.56 -5.37 12.15
C LYS C 58 28.91 -6.18 13.26
N VAL C 59 28.76 -7.49 13.05
CA VAL C 59 28.02 -8.36 13.93
C VAL C 59 28.90 -9.54 14.33
N GLU C 60 29.01 -9.77 15.64
CA GLU C 60 29.71 -10.93 16.17
C GLU C 60 28.67 -11.90 16.69
N HIS C 61 28.77 -13.16 16.24
CA HIS C 61 27.83 -14.19 16.64
C HIS C 61 28.61 -15.48 16.80
N ASP C 62 28.64 -15.98 18.04
CA ASP C 62 29.21 -17.28 18.37
C ASP C 62 30.62 -17.44 17.78
N GLY C 63 31.44 -16.40 17.93
CA GLY C 63 32.84 -16.45 17.55
C GLY C 63 33.07 -16.26 16.07
N ASN C 64 32.05 -15.83 15.31
CA ASN C 64 32.23 -15.44 13.93
C ASN C 64 31.85 -13.97 13.75
N CYS C 65 32.27 -13.38 12.64
CA CYS C 65 32.09 -11.97 12.39
C CYS C 65 31.58 -11.79 10.97
N TRP C 66 30.40 -11.15 10.86
CA TRP C 66 29.81 -10.79 9.58
C TRP C 66 29.66 -9.27 9.48
N HIS C 67 29.79 -8.74 8.27
CA HIS C 67 29.24 -7.43 7.96
C HIS C 67 27.87 -7.63 7.32
N VAL C 68 26.88 -6.84 7.75
CA VAL C 68 25.49 -7.00 7.33
C VAL C 68 24.95 -5.65 6.87
N ARG C 69 24.27 -5.67 5.73
CA ARG C 69 23.64 -4.50 5.15
C ARG C 69 22.13 -4.58 5.36
N VAL C 70 21.59 -3.71 6.21
CA VAL C 70 20.17 -3.69 6.53
C VAL C 70 19.54 -2.42 5.98
N HIS C 71 18.45 -2.54 5.20
CA HIS C 71 17.73 -1.40 4.68
C HIS C 71 16.55 -1.09 5.58
N GLU C 72 16.38 0.18 5.94
CA GLU C 72 15.23 0.66 6.70
C GLU C 72 14.50 1.74 5.90
N ALA C 73 13.30 1.42 5.40
CA ALA C 73 12.47 2.36 4.70
C ALA C 73 11.90 3.39 5.68
N LEU C 74 11.74 4.61 5.21
CA LEU C 74 11.07 5.65 5.98
C LEU C 74 9.65 5.19 6.31
N PRO C 75 9.06 5.69 7.43
CA PRO C 75 7.68 5.35 7.80
C PRO C 75 6.66 5.52 6.69
N CYS C 76 6.74 6.62 5.93
CA CYS C 76 5.80 6.89 4.87
C CYS C 76 6.06 6.05 3.64
N TYR C 77 7.11 5.21 3.66
CA TYR C 77 7.38 4.28 2.57
C TYR C 77 7.27 2.85 3.11
N GLY C 78 6.55 2.65 4.23
CA GLY C 78 6.21 1.31 4.68
C GLY C 78 6.97 0.89 5.93
N GLY C 79 8.10 1.56 6.25
CA GLY C 79 8.78 1.34 7.52
C GLY C 79 9.50 -0.02 7.64
N LYS C 80 9.59 -0.82 6.57
CA LYS C 80 10.18 -2.14 6.67
C LYS C 80 11.69 -2.06 6.90
N VAL C 81 12.18 -3.00 7.73
CA VAL C 81 13.59 -3.19 7.97
C VAL C 81 13.95 -4.61 7.52
N GLU C 82 14.87 -4.71 6.56
CA GLU C 82 15.22 -5.98 5.94
C GLU C 82 16.72 -6.06 5.69
N VAL C 83 17.27 -7.27 5.82
CA VAL C 83 18.66 -7.51 5.46
C VAL C 83 18.76 -7.67 3.96
N HIS C 84 19.70 -6.98 3.33
CA HIS C 84 19.89 -7.10 1.89
C HIS C 84 21.11 -7.96 1.55
N SER C 85 22.15 -7.97 2.42
CA SER C 85 23.26 -8.88 2.21
C SER C 85 24.17 -8.94 3.42
N HIS C 86 25.08 -9.90 3.38
CA HIS C 86 26.11 -10.05 4.39
C HIS C 86 27.36 -10.56 3.71
N LYS C 87 28.49 -10.38 4.40
CA LYS C 87 29.73 -11.03 4.05
C LYS C 87 30.45 -11.44 5.33
N VAL C 88 31.21 -12.53 5.24
CA VAL C 88 32.12 -12.91 6.29
C VAL C 88 33.25 -11.88 6.33
N ALA C 89 33.60 -11.42 7.54
CA ALA C 89 34.67 -10.47 7.68
C ALA C 89 35.56 -10.90 8.86
N SER C 90 36.75 -10.27 8.93
CA SER C 90 37.57 -10.37 10.12
C SER C 90 37.19 -9.26 11.08
N VAL C 91 37.36 -9.53 12.38
CA VAL C 91 37.02 -8.58 13.43
C VAL C 91 37.76 -7.25 13.21
N GLY C 92 38.96 -7.28 12.63
CA GLY C 92 39.74 -6.06 12.45
C GLY C 92 39.37 -5.29 11.18
N ASP C 93 38.54 -5.86 10.29
CA ASP C 93 38.27 -5.23 9.02
C ASP C 93 37.50 -3.92 9.24
N PRO C 94 37.79 -2.85 8.50
CA PRO C 94 36.95 -1.65 8.54
C PRO C 94 35.54 -1.94 8.01
N LEU C 95 34.54 -1.28 8.62
CA LEU C 95 33.16 -1.38 8.20
C LEU C 95 32.95 -0.38 7.07
N THR C 96 32.88 -0.87 5.84
CA THR C 96 32.68 0.01 4.69
C THR C 96 31.50 -0.50 3.87
N TYR C 97 31.09 0.33 2.91
CA TYR C 97 30.10 -0.02 1.92
C TYR C 97 30.48 -1.33 1.26
N PHE C 98 29.50 -2.24 1.08
CA PHE C 98 29.78 -3.47 0.36
C PHE C 98 28.48 -3.97 -0.27
N LEU C 99 28.66 -4.83 -1.28
CA LEU C 99 27.56 -5.61 -1.82
C LEU C 99 28.11 -6.98 -2.18
N GLU C 100 27.63 -8.03 -1.51
CA GLU C 100 28.12 -9.39 -1.71
C GLU C 100 27.02 -10.26 -2.30
N HIS C 101 27.27 -10.94 -3.44
CA HIS C 101 26.24 -11.75 -4.11
C HIS C 101 26.22 -13.20 -3.60
N MET D 3 22.52 16.56 -13.03
CA MET D 3 22.92 15.54 -12.00
C MET D 3 21.83 15.51 -10.92
N CYS D 4 21.56 16.65 -10.27
CA CYS D 4 20.58 16.67 -9.19
C CYS D 4 19.26 17.22 -9.72
N GLY D 5 18.21 16.41 -9.79
CA GLY D 5 16.92 16.88 -10.26
C GLY D 5 16.85 17.11 -11.78
N GLY D 6 17.56 16.27 -12.51
CA GLY D 6 17.56 16.33 -13.96
C GLY D 6 16.27 15.77 -14.57
N LEU D 7 15.97 16.23 -15.79
CA LEU D 7 14.77 15.80 -16.51
C LEU D 7 15.09 14.54 -17.31
N THR D 8 14.12 13.62 -17.40
CA THR D 8 14.26 12.47 -18.29
C THR D 8 14.17 12.95 -19.74
N THR D 9 14.65 12.09 -20.64
CA THR D 9 14.55 12.31 -22.07
C THR D 9 13.07 12.39 -22.46
N SER D 10 12.72 13.40 -23.26
CA SER D 10 11.35 13.58 -23.73
C SER D 10 10.92 12.36 -24.52
N VAL D 11 9.71 11.87 -24.26
CA VAL D 11 9.15 10.74 -24.97
C VAL D 11 7.69 11.05 -25.24
N ARG D 12 7.06 10.24 -26.11
CA ARG D 12 5.62 10.27 -26.27
C ARG D 12 5.01 9.70 -25.00
N PRO D 13 3.87 10.23 -24.52
CA PRO D 13 3.28 9.75 -23.29
C PRO D 13 2.70 8.36 -23.44
N SER D 14 2.77 7.57 -22.35
CA SER D 14 2.11 6.28 -22.28
C SER D 14 0.62 6.51 -22.10
N ASN D 15 -0.15 5.41 -22.13
CA ASN D 15 -1.59 5.50 -21.95
C ASN D 15 -1.89 5.87 -20.51
N GLU D 16 -1.08 5.40 -19.57
CA GLU D 16 -1.22 5.76 -18.16
C GLU D 16 -0.99 7.26 -17.98
N ASP D 17 0.06 7.81 -18.63
CA ASP D 17 0.33 9.24 -18.60
C ASP D 17 -0.88 10.02 -19.10
N LYS D 18 -1.44 9.61 -20.24
CA LYS D 18 -2.56 10.33 -20.83
C LYS D 18 -3.76 10.30 -19.89
N GLN D 19 -4.01 9.16 -19.23
CA GLN D 19 -5.17 9.01 -18.37
C GLN D 19 -5.04 9.88 -17.12
N LEU D 20 -3.84 9.92 -16.52
CA LEU D 20 -3.61 10.73 -15.34
C LEU D 20 -3.62 12.23 -15.64
N LEU D 21 -2.91 12.64 -16.70
CA LEU D 21 -2.56 14.04 -16.90
C LEU D 21 -3.59 14.81 -17.72
N THR D 22 -4.22 14.14 -18.69
CA THR D 22 -5.06 14.84 -19.66
C THR D 22 -6.21 15.57 -18.96
N PRO D 23 -6.99 14.95 -18.04
CA PRO D 23 -8.10 15.64 -17.40
C PRO D 23 -7.70 16.92 -16.66
N VAL D 24 -6.55 16.86 -15.99
CA VAL D 24 -6.07 17.97 -15.20
C VAL D 24 -5.67 19.12 -16.12
N VAL D 25 -5.01 18.79 -17.23
CA VAL D 25 -4.57 19.80 -18.18
C VAL D 25 -5.79 20.41 -18.87
N LYS D 26 -6.74 19.57 -19.25
CA LYS D 26 -7.93 19.99 -19.96
C LYS D 26 -8.71 21.01 -19.12
N ASP D 27 -8.91 20.68 -17.83
CA ASP D 27 -9.60 21.57 -16.92
C ASP D 27 -8.84 22.89 -16.76
N TYR D 28 -7.51 22.84 -16.69
CA TYR D 28 -6.71 24.04 -16.54
C TYR D 28 -6.86 24.96 -17.77
N ILE D 29 -6.80 24.38 -18.96
CA ILE D 29 -6.94 25.15 -20.19
C ILE D 29 -8.32 25.83 -20.19
N ALA D 30 -9.36 25.06 -19.88
CA ALA D 30 -10.73 25.56 -19.85
C ALA D 30 -10.82 26.78 -18.95
N GLN D 31 -10.25 26.72 -17.75
CA GLN D 31 -10.31 27.82 -16.80
C GLN D 31 -9.49 29.00 -17.29
N GLN D 32 -8.34 28.75 -17.91
CA GLN D 32 -7.50 29.85 -18.40
C GLN D 32 -8.19 30.59 -19.54
N LEU D 33 -8.87 29.86 -20.44
CA LEU D 33 -9.41 30.48 -21.65
C LEU D 33 -10.90 30.83 -21.48
N GLY D 34 -11.55 30.30 -20.44
CA GLY D 34 -12.95 30.56 -20.21
C GLY D 34 -13.86 29.70 -21.08
N ARG D 35 -13.30 28.66 -21.72
CA ARG D 35 -14.05 27.82 -22.64
C ARG D 35 -13.36 26.47 -22.75
N GLU D 36 -14.15 25.40 -22.69
CA GLU D 36 -13.61 24.04 -22.74
C GLU D 36 -13.02 23.78 -24.11
N PRO D 37 -11.78 23.28 -24.23
CA PRO D 37 -11.24 22.88 -25.52
C PRO D 37 -11.88 21.59 -26.02
N SER D 38 -11.86 21.39 -27.34
CA SER D 38 -12.46 20.22 -27.97
C SER D 38 -11.46 19.08 -28.02
N GLU D 39 -10.28 19.32 -28.61
CA GLU D 39 -9.24 18.33 -28.68
C GLU D 39 -8.05 18.79 -27.84
N VAL D 40 -7.59 17.93 -26.93
CA VAL D 40 -6.41 18.19 -26.12
C VAL D 40 -5.52 16.95 -26.21
N LYS D 41 -4.29 17.16 -26.69
CA LYS D 41 -3.39 16.05 -26.96
C LYS D 41 -2.02 16.36 -26.36
N ILE D 42 -1.57 15.50 -25.46
CA ILE D 42 -0.22 15.56 -24.94
C ILE D 42 0.67 14.83 -25.95
N THR D 43 1.69 15.50 -26.49
CA THR D 43 2.52 14.92 -27.53
C THR D 43 3.90 14.54 -27.00
N GLU D 44 4.31 15.09 -25.85
CA GLU D 44 5.64 14.87 -25.34
C GLU D 44 5.61 15.06 -23.83
N VAL D 45 6.36 14.21 -23.11
CA VAL D 45 6.46 14.30 -21.67
C VAL D 45 7.92 14.12 -21.25
N SER D 46 8.29 14.87 -20.22
CA SER D 46 9.57 14.75 -19.56
C SER D 46 9.34 14.83 -18.06
N ARG D 47 10.01 13.99 -17.27
CA ARG D 47 9.76 13.91 -15.84
C ARG D 47 10.97 14.37 -15.03
N GLN D 48 10.71 14.97 -13.88
CA GLN D 48 11.75 15.36 -12.95
C GLN D 48 11.33 14.94 -11.54
N ILE D 49 12.15 14.13 -10.87
CA ILE D 49 11.79 13.74 -9.52
C ILE D 49 12.24 14.83 -8.57
N VAL D 50 11.36 15.32 -7.69
CA VAL D 50 11.67 16.47 -6.86
C VAL D 50 11.20 16.17 -5.44
N ASN D 51 12.10 16.34 -4.48
CA ASN D 51 11.82 16.35 -3.07
C ASN D 51 12.19 17.70 -2.53
N GLY D 52 11.29 18.31 -1.76
CA GLY D 52 11.58 19.58 -1.14
C GLY D 52 10.52 19.95 -0.14
N THR D 53 10.39 21.26 0.11
CA THR D 53 9.36 21.73 1.01
C THR D 53 8.70 22.97 0.40
N ASN D 54 7.38 23.01 0.55
CA ASN D 54 6.62 24.22 0.26
C ASN D 54 6.57 25.07 1.51
N HIS D 55 6.96 26.35 1.37
CA HIS D 55 6.77 27.33 2.41
C HIS D 55 5.58 28.19 2.02
N PHE D 56 4.51 28.14 2.83
CA PHE D 56 3.38 29.02 2.66
C PHE D 56 3.61 30.23 3.56
N LEU D 57 3.54 31.43 2.96
CA LEU D 57 3.94 32.67 3.60
C LEU D 57 2.77 33.63 3.56
N LYS D 58 2.56 34.33 4.68
CA LYS D 58 1.78 35.54 4.70
C LYS D 58 2.75 36.72 4.59
N VAL D 59 2.55 37.55 3.57
CA VAL D 59 3.47 38.62 3.24
C VAL D 59 2.69 39.92 3.19
N GLU D 60 3.19 40.90 3.95
CA GLU D 60 2.67 42.27 3.91
C GLU D 60 3.67 43.12 3.16
N HIS D 61 3.19 43.82 2.13
CA HIS D 61 4.03 44.66 1.31
C HIS D 61 3.23 45.91 0.96
N ASP D 62 3.75 47.04 1.46
CA ASP D 62 3.22 48.37 1.17
C ASP D 62 1.70 48.40 1.39
N GLY D 63 1.24 47.82 2.50
CA GLY D 63 -0.14 47.91 2.93
C GLY D 63 -1.07 46.95 2.19
N ASN D 64 -0.49 45.98 1.44
CA ASN D 64 -1.26 44.88 0.87
C ASN D 64 -0.81 43.56 1.49
N CYS D 65 -1.65 42.53 1.37
CA CYS D 65 -1.41 41.26 1.99
C CYS D 65 -1.61 40.15 0.97
N TRP D 66 -0.54 39.36 0.73
CA TRP D 66 -0.58 38.20 -0.14
C TRP D 66 -0.27 36.94 0.66
N HIS D 67 -0.86 35.81 0.27
CA HIS D 67 -0.30 34.52 0.60
C HIS D 67 0.54 34.04 -0.59
N VAL D 68 1.73 33.52 -0.30
CA VAL D 68 2.69 33.13 -1.32
C VAL D 68 3.17 31.71 -1.03
N ARG D 69 3.20 30.89 -2.08
CA ARG D 69 3.67 29.51 -2.02
C ARG D 69 5.05 29.45 -2.64
N VAL D 70 6.08 29.22 -1.82
CA VAL D 70 7.46 29.17 -2.29
C VAL D 70 7.97 27.75 -2.12
N HIS D 71 8.48 27.16 -3.21
CA HIS D 71 9.00 25.81 -3.19
C HIS D 71 10.52 25.88 -3.04
N GLU D 72 11.05 25.09 -2.11
CA GLU D 72 12.48 24.94 -1.95
C GLU D 72 12.86 23.47 -2.11
N ALA D 73 13.57 23.16 -3.20
CA ALA D 73 14.07 21.81 -3.42
C ALA D 73 15.21 21.54 -2.47
N LEU D 74 15.32 20.28 -1.99
CA LEU D 74 16.44 19.87 -1.18
C LEU D 74 17.71 20.04 -2.00
N PRO D 75 18.89 20.24 -1.34
CA PRO D 75 20.16 20.39 -2.05
C PRO D 75 20.45 19.28 -3.07
N CYS D 76 20.17 18.01 -2.72
CA CYS D 76 20.47 16.92 -3.62
C CYS D 76 19.39 16.77 -4.69
N TYR D 77 18.37 17.64 -4.68
CA TYR D 77 17.42 17.70 -5.78
C TYR D 77 17.51 19.03 -6.51
N GLY D 78 18.64 19.74 -6.38
CA GLY D 78 18.92 20.88 -7.22
C GLY D 78 18.88 22.21 -6.45
N GLY D 79 18.28 22.24 -5.26
CA GLY D 79 18.34 23.40 -4.38
C GLY D 79 17.56 24.65 -4.87
N LYS D 80 16.78 24.56 -5.94
CA LYS D 80 16.09 25.73 -6.47
C LYS D 80 14.99 26.23 -5.51
N VAL D 81 14.88 27.56 -5.44
CA VAL D 81 13.88 28.25 -4.64
C VAL D 81 13.04 29.10 -5.58
N GLU D 82 11.73 28.82 -5.65
CA GLU D 82 10.87 29.43 -6.65
C GLU D 82 9.50 29.72 -6.05
N VAL D 83 8.87 30.81 -6.48
CA VAL D 83 7.48 31.07 -6.15
C VAL D 83 6.61 30.27 -7.11
N HIS D 84 5.66 29.52 -6.57
CA HIS D 84 4.78 28.70 -7.41
C HIS D 84 3.38 29.32 -7.53
N SER D 85 2.94 30.14 -6.56
CA SER D 85 1.75 30.94 -6.75
C SER D 85 1.60 31.95 -5.62
N HIS D 86 0.65 32.86 -5.81
CA HIS D 86 0.24 33.79 -4.77
C HIS D 86 -1.25 34.03 -4.91
N LYS D 87 -1.84 34.55 -3.83
CA LYS D 87 -3.19 35.07 -3.88
C LYS D 87 -3.28 36.28 -2.96
N VAL D 88 -4.16 37.21 -3.33
CA VAL D 88 -4.50 38.32 -2.45
C VAL D 88 -5.29 37.75 -1.28
N ALA D 89 -4.91 38.14 -0.06
CA ALA D 89 -5.59 37.65 1.13
C ALA D 89 -5.83 38.80 2.10
N SER D 90 -6.69 38.57 3.09
CA SER D 90 -6.86 39.50 4.20
C SER D 90 -5.90 39.12 5.31
N VAL D 91 -5.51 40.11 6.12
CA VAL D 91 -4.58 39.90 7.22
C VAL D 91 -5.12 38.85 8.18
N GLY D 92 -6.44 38.73 8.32
CA GLY D 92 -7.03 37.78 9.26
C GLY D 92 -7.21 36.38 8.67
N ASP D 93 -6.92 36.18 7.39
CA ASP D 93 -7.16 34.87 6.78
C ASP D 93 -6.19 33.86 7.37
N PRO D 94 -6.62 32.60 7.63
CA PRO D 94 -5.67 31.57 8.01
C PRO D 94 -4.72 31.22 6.87
N LEU D 95 -3.48 30.91 7.22
CA LEU D 95 -2.47 30.54 6.24
C LEU D 95 -2.60 29.03 6.01
N THR D 96 -3.23 28.64 4.91
CA THR D 96 -3.46 27.25 4.61
C THR D 96 -2.93 26.94 3.20
N TYR D 97 -2.91 25.65 2.89
CA TYR D 97 -2.59 25.16 1.57
C TYR D 97 -3.45 25.85 0.54
N PHE D 98 -2.84 26.29 -0.57
CA PHE D 98 -3.63 26.88 -1.65
C PHE D 98 -2.86 26.70 -2.95
N LEU D 99 -3.60 26.80 -4.05
CA LEU D 99 -3.03 26.94 -5.38
C LEU D 99 -3.93 27.87 -6.17
N GLU D 100 -3.42 29.03 -6.58
CA GLU D 100 -4.21 30.04 -7.27
C GLU D 100 -3.76 30.20 -8.71
N HIS D 101 -4.70 30.00 -9.63
CA HIS D 101 -4.43 30.14 -11.05
C HIS D 101 -4.87 31.52 -11.57
N HIS D 102 -5.80 32.16 -10.84
CA HIS D 102 -6.40 33.44 -11.21
C HIS D 102 -7.40 33.23 -12.35
N MET E 3 -21.53 -7.14 18.16
CA MET E 3 -20.35 -7.43 19.02
C MET E 3 -19.28 -6.39 18.69
N CYS E 4 -18.83 -6.30 17.42
CA CYS E 4 -17.96 -5.23 17.00
C CYS E 4 -18.76 -4.22 16.17
N GLY E 5 -18.11 -3.16 15.70
CA GLY E 5 -18.75 -2.21 14.79
C GLY E 5 -19.58 -1.16 15.52
N GLY E 6 -19.45 -1.02 16.84
CA GLY E 6 -20.05 0.10 17.57
C GLY E 6 -19.19 1.34 17.42
N LEU E 7 -19.79 2.53 17.63
CA LEU E 7 -19.07 3.78 17.57
C LEU E 7 -18.45 4.13 18.91
N THR E 8 -17.25 4.70 18.91
CA THR E 8 -16.67 5.25 20.13
C THR E 8 -17.43 6.50 20.56
N THR E 9 -17.31 6.86 21.84
CA THR E 9 -17.95 8.06 22.36
C THR E 9 -17.36 9.28 21.65
N SER E 10 -18.24 10.20 21.22
CA SER E 10 -17.81 11.41 20.52
C SER E 10 -16.89 12.22 21.42
N VAL E 11 -15.78 12.69 20.86
CA VAL E 11 -14.83 13.51 21.59
C VAL E 11 -14.35 14.61 20.66
N ARG E 12 -13.64 15.60 21.21
CA ARG E 12 -12.93 16.58 20.42
C ARG E 12 -11.78 15.85 19.71
N PRO E 13 -11.47 16.22 18.45
CA PRO E 13 -10.40 15.55 17.73
C PRO E 13 -9.03 15.90 18.29
N SER E 14 -8.10 14.95 18.20
CA SER E 14 -6.70 15.21 18.48
C SER E 14 -6.10 16.02 17.33
N ASN E 15 -4.85 16.43 17.52
CA ASN E 15 -4.12 17.19 16.51
C ASN E 15 -3.82 16.26 15.33
N GLU E 16 -3.54 14.98 15.61
CA GLU E 16 -3.33 13.98 14.57
C GLU E 16 -4.61 13.80 13.73
N ASP E 17 -5.76 13.73 14.39
CA ASP E 17 -7.06 13.65 13.70
C ASP E 17 -7.22 14.83 12.75
N LYS E 18 -6.96 16.05 13.25
CA LYS E 18 -7.15 17.24 12.45
C LYS E 18 -6.24 17.21 11.24
N GLN E 19 -4.99 16.74 11.40
CA GLN E 19 -4.02 16.75 10.32
C GLN E 19 -4.39 15.75 9.24
N LEU E 20 -4.84 14.56 9.64
CA LEU E 20 -5.25 13.53 8.69
C LEU E 20 -6.56 13.90 7.97
N LEU E 21 -7.57 14.35 8.71
CA LEU E 21 -8.94 14.40 8.20
C LEU E 21 -9.26 15.74 7.53
N THR E 22 -8.70 16.85 8.03
CA THR E 22 -9.12 18.17 7.61
C THR E 22 -8.93 18.36 6.10
N PRO E 23 -7.75 18.04 5.50
CA PRO E 23 -7.57 18.25 4.07
C PRO E 23 -8.60 17.53 3.19
N VAL E 24 -8.94 16.31 3.59
CA VAL E 24 -9.86 15.48 2.84
C VAL E 24 -11.27 16.09 2.90
N VAL E 25 -11.66 16.54 4.09
CA VAL E 25 -12.97 17.14 4.28
C VAL E 25 -13.05 18.47 3.54
N LYS E 26 -11.97 19.27 3.62
CA LYS E 26 -11.92 20.58 3.00
C LYS E 26 -12.10 20.46 1.49
N ASP E 27 -11.38 19.52 0.88
CA ASP E 27 -11.51 19.28 -0.55
C ASP E 27 -12.93 18.85 -0.91
N TYR E 28 -13.55 17.99 -0.09
CA TYR E 28 -14.90 17.51 -0.36
C TYR E 28 -15.90 18.68 -0.33
N ILE E 29 -15.78 19.56 0.69
CA ILE E 29 -16.67 20.69 0.81
C ILE E 29 -16.53 21.57 -0.43
N ALA E 30 -15.29 21.86 -0.81
CA ALA E 30 -15.00 22.70 -1.96
C ALA E 30 -15.70 22.17 -3.21
N GLN E 31 -15.61 20.86 -3.44
CA GLN E 31 -16.24 20.26 -4.61
C GLN E 31 -17.77 20.27 -4.50
N GLN E 32 -18.31 20.06 -3.30
CA GLN E 32 -19.75 20.06 -3.11
C GLN E 32 -20.31 21.46 -3.35
N LEU E 33 -19.62 22.51 -2.89
CA LEU E 33 -20.18 23.86 -2.92
C LEU E 33 -19.67 24.65 -4.13
N GLY E 34 -18.62 24.16 -4.79
CA GLY E 34 -18.07 24.82 -5.97
C GLY E 34 -17.16 25.98 -5.59
N ARG E 35 -16.72 26.04 -4.34
CA ARG E 35 -15.73 27.02 -3.93
C ARG E 35 -15.13 26.64 -2.58
N GLU E 36 -13.84 26.96 -2.43
CA GLU E 36 -13.08 26.61 -1.25
C GLU E 36 -13.66 27.31 -0.03
N PRO E 37 -13.93 26.59 1.08
CA PRO E 37 -14.30 27.23 2.33
C PRO E 37 -13.12 27.98 2.97
N SER E 38 -13.45 28.99 3.78
CA SER E 38 -12.45 29.83 4.41
C SER E 38 -12.02 29.22 5.75
N GLU E 39 -13.00 28.96 6.63
CA GLU E 39 -12.75 28.32 7.89
C GLU E 39 -13.36 26.92 7.89
N VAL E 40 -12.55 25.91 8.23
CA VAL E 40 -13.03 24.55 8.38
C VAL E 40 -12.49 24.02 9.70
N LYS E 41 -13.39 23.63 10.61
CA LYS E 41 -13.01 23.14 11.91
C LYS E 41 -13.79 21.86 12.22
N ILE E 42 -13.06 20.78 12.51
CA ILE E 42 -13.66 19.55 13.02
C ILE E 42 -13.86 19.73 14.51
N THR E 43 -15.07 19.62 15.03
CA THR E 43 -15.35 19.87 16.44
C THR E 43 -15.61 18.59 17.23
N GLU E 44 -15.92 17.49 16.53
CA GLU E 44 -16.28 16.25 17.19
C GLU E 44 -15.96 15.08 16.27
N VAL E 45 -15.52 13.95 16.87
CA VAL E 45 -15.16 12.76 16.10
C VAL E 45 -15.65 11.53 16.87
N SER E 46 -16.13 10.56 16.10
CA SER E 46 -16.51 9.26 16.60
C SER E 46 -16.02 8.21 15.61
N ARG E 47 -15.43 7.11 16.10
CA ARG E 47 -14.82 6.11 15.22
C ARG E 47 -15.55 4.79 15.27
N GLN E 48 -15.60 4.11 14.13
CA GLN E 48 -16.23 2.79 14.02
C GLN E 48 -15.30 1.87 13.22
N ILE E 49 -14.94 0.71 13.77
CA ILE E 49 -14.24 -0.29 12.99
C ILE E 49 -15.23 -0.97 12.04
N VAL E 50 -14.85 -1.09 10.77
CA VAL E 50 -15.69 -1.76 9.79
C VAL E 50 -14.91 -2.84 9.06
N ASN E 51 -15.45 -4.06 9.13
CA ASN E 51 -14.96 -5.14 8.29
C ASN E 51 -16.14 -5.59 7.44
N GLY E 52 -15.94 -5.65 6.13
CA GLY E 52 -16.99 -6.13 5.25
C GLY E 52 -16.49 -6.29 3.82
N THR E 53 -17.40 -6.18 2.86
CA THR E 53 -17.00 -6.25 1.46
C THR E 53 -17.76 -5.17 0.68
N ASN E 54 -17.03 -4.52 -0.22
CA ASN E 54 -17.64 -3.67 -1.23
C ASN E 54 -17.98 -4.52 -2.45
N HIS E 55 -19.23 -4.44 -2.88
CA HIS E 55 -19.65 -5.03 -4.14
C HIS E 55 -19.77 -3.91 -5.19
N PHE E 56 -18.94 -3.96 -6.22
CA PHE E 56 -19.04 -3.06 -7.34
C PHE E 56 -19.89 -3.76 -8.41
N LEU E 57 -20.95 -3.09 -8.85
CA LEU E 57 -21.96 -3.69 -9.70
C LEU E 57 -22.10 -2.87 -10.98
N LYS E 58 -22.25 -3.57 -12.10
CA LYS E 58 -22.78 -2.98 -13.31
C LYS E 58 -24.26 -3.30 -13.39
N VAL E 59 -25.10 -2.26 -13.48
CA VAL E 59 -26.53 -2.41 -13.39
C VAL E 59 -27.17 -1.76 -14.62
N GLU E 60 -28.02 -2.53 -15.31
CA GLU E 60 -28.82 -2.00 -16.40
C GLU E 60 -30.26 -1.85 -15.91
N HIS E 61 -30.83 -0.66 -16.07
CA HIS E 61 -32.18 -0.37 -15.63
C HIS E 61 -32.81 0.56 -16.66
N ASP E 62 -33.88 0.05 -17.31
CA ASP E 62 -34.70 0.82 -18.23
C ASP E 62 -33.84 1.52 -19.28
N GLY E 63 -32.86 0.80 -19.84
CA GLY E 63 -32.04 1.31 -20.92
C GLY E 63 -30.94 2.28 -20.47
N ASN E 64 -30.66 2.29 -19.17
CA ASN E 64 -29.54 3.10 -18.65
C ASN E 64 -28.59 2.13 -17.94
N CYS E 65 -27.33 2.56 -17.81
CA CYS E 65 -26.30 1.72 -17.22
C CYS E 65 -25.57 2.53 -16.15
N TRP E 66 -25.61 2.01 -14.91
CA TRP E 66 -24.90 2.60 -13.78
C TRP E 66 -23.87 1.61 -13.25
N HIS E 67 -22.76 2.13 -12.72
CA HIS E 67 -21.94 1.39 -11.78
C HIS E 67 -22.39 1.80 -10.38
N VAL E 68 -22.52 0.80 -9.49
CA VAL E 68 -23.02 1.04 -8.13
C VAL E 68 -22.07 0.37 -7.13
N ARG E 69 -21.73 1.11 -6.07
CA ARG E 69 -20.85 0.62 -5.01
C ARG E 69 -21.69 0.32 -3.77
N VAL E 70 -21.80 -0.95 -3.42
CA VAL E 70 -22.64 -1.37 -2.30
C VAL E 70 -21.75 -1.99 -1.22
N HIS E 71 -21.85 -1.49 0.01
CA HIS E 71 -21.08 -1.99 1.12
C HIS E 71 -21.92 -2.97 1.93
N GLU E 72 -21.33 -4.13 2.23
CA GLU E 72 -21.94 -5.09 3.14
C GLU E 72 -21.02 -5.35 4.32
N ALA E 73 -21.42 -4.90 5.52
CA ALA E 73 -20.67 -5.18 6.73
C ALA E 73 -20.90 -6.64 7.12
N LEU E 74 -19.87 -7.28 7.66
CA LEU E 74 -20.03 -8.60 8.24
C LEU E 74 -21.06 -8.54 9.37
N PRO E 75 -21.77 -9.65 9.66
CA PRO E 75 -22.73 -9.72 10.77
C PRO E 75 -22.19 -9.22 12.11
N CYS E 76 -20.95 -9.59 12.45
CA CYS E 76 -20.41 -9.17 13.74
C CYS E 76 -19.89 -7.74 13.71
N TYR E 77 -20.03 -7.05 12.56
CA TYR E 77 -19.75 -5.63 12.48
C TYR E 77 -21.02 -4.85 12.16
N GLY E 78 -22.19 -5.44 12.42
CA GLY E 78 -23.45 -4.70 12.36
C GLY E 78 -24.34 -5.12 11.19
N GLY E 79 -23.77 -5.77 10.16
CA GLY E 79 -24.56 -6.40 9.12
C GLY E 79 -25.22 -5.45 8.14
N LYS E 80 -24.94 -4.13 8.20
CA LYS E 80 -25.63 -3.21 7.32
C LYS E 80 -25.20 -3.38 5.86
N VAL E 81 -26.19 -3.21 4.97
CA VAL E 81 -26.00 -3.24 3.54
C VAL E 81 -26.47 -1.88 3.00
N GLU E 82 -25.56 -1.14 2.35
CA GLU E 82 -25.85 0.23 1.94
C GLU E 82 -25.20 0.53 0.61
N VAL E 83 -25.86 1.35 -0.22
CA VAL E 83 -25.22 1.90 -1.40
C VAL E 83 -24.39 3.10 -0.96
N HIS E 84 -23.13 3.15 -1.38
CA HIS E 84 -22.24 4.24 -1.01
C HIS E 84 -22.03 5.21 -2.17
N SER E 85 -22.19 4.78 -3.43
CA SER E 85 -22.00 5.67 -4.56
C SER E 85 -22.55 5.03 -5.84
N HIS E 86 -22.82 5.86 -6.85
CA HIS E 86 -23.08 5.38 -8.20
C HIS E 86 -22.49 6.35 -9.21
N LYS E 87 -22.30 5.87 -10.43
CA LYS E 87 -21.99 6.75 -11.54
C LYS E 87 -22.63 6.20 -12.81
N VAL E 88 -23.01 7.09 -13.71
CA VAL E 88 -23.46 6.73 -15.04
C VAL E 88 -22.28 6.16 -15.81
N ALA E 89 -22.50 5.05 -16.50
CA ALA E 89 -21.43 4.41 -17.27
C ALA E 89 -22.00 3.92 -18.60
N SER E 90 -21.11 3.54 -19.51
CA SER E 90 -21.50 2.84 -20.73
C SER E 90 -21.40 1.33 -20.49
N VAL E 91 -22.17 0.56 -21.26
CA VAL E 91 -22.20 -0.89 -21.14
C VAL E 91 -20.79 -1.46 -21.38
N GLY E 92 -19.98 -0.79 -22.21
CA GLY E 92 -18.65 -1.29 -22.55
C GLY E 92 -17.58 -0.90 -21.53
N ASP E 93 -17.90 -0.05 -20.56
CA ASP E 93 -16.89 0.43 -19.63
C ASP E 93 -16.48 -0.73 -18.72
N PRO E 94 -15.17 -0.87 -18.38
CA PRO E 94 -14.77 -1.84 -17.38
C PRO E 94 -15.31 -1.49 -15.99
N LEU E 95 -15.63 -2.53 -15.23
CA LEU E 95 -16.11 -2.36 -13.85
C LEU E 95 -14.87 -2.27 -12.97
N THR E 96 -14.53 -1.06 -12.54
CA THR E 96 -13.37 -0.85 -11.68
C THR E 96 -13.81 -0.11 -10.41
N TYR E 97 -12.88 -0.05 -9.47
CA TYR E 97 -13.05 0.71 -8.24
C TYR E 97 -13.40 2.15 -8.62
N PHE E 98 -14.36 2.75 -7.92
CA PHE E 98 -14.69 4.15 -8.13
C PHE E 98 -15.32 4.73 -6.87
N LEU E 99 -15.30 6.05 -6.78
CA LEU E 99 -16.09 6.79 -5.80
C LEU E 99 -16.51 8.08 -6.47
N GLU E 100 -17.81 8.29 -6.67
CA GLU E 100 -18.34 9.47 -7.35
C GLU E 100 -19.19 10.30 -6.40
N HIS E 101 -18.89 11.60 -6.30
CA HIS E 101 -19.59 12.52 -5.42
C HIS E 101 -20.61 13.36 -6.20
N HIS E 102 -21.81 13.50 -5.62
CA HIS E 102 -22.91 14.29 -6.17
C HIS E 102 -22.91 14.27 -7.72
N MET F 3 3.26 -7.84 1.79
CA MET F 3 3.12 -6.53 2.45
C MET F 3 2.83 -6.76 3.94
N CYS F 4 1.72 -7.43 4.26
CA CYS F 4 1.46 -7.95 5.58
C CYS F 4 1.67 -9.47 5.54
N GLY F 5 1.46 -10.13 6.68
CA GLY F 5 1.52 -11.59 6.72
C GLY F 5 2.95 -12.12 6.86
N GLY F 6 3.94 -11.29 7.18
CA GLY F 6 5.26 -11.77 7.57
C GLY F 6 5.25 -12.21 9.05
N LEU F 7 6.23 -13.03 9.43
CA LEU F 7 6.38 -13.48 10.80
C LEU F 7 7.18 -12.48 11.63
N THR F 8 6.79 -12.25 12.89
CA THR F 8 7.60 -11.46 13.79
C THR F 8 8.84 -12.25 14.19
N THR F 9 9.85 -11.54 14.70
CA THR F 9 11.06 -12.16 15.22
C THR F 9 10.69 -13.06 16.40
N SER F 10 11.26 -14.26 16.45
CA SER F 10 11.05 -15.19 17.55
C SER F 10 11.44 -14.57 18.88
N VAL F 11 10.60 -14.74 19.88
CA VAL F 11 10.91 -14.30 21.24
C VAL F 11 10.49 -15.41 22.20
N ARG F 12 10.97 -15.31 23.43
CA ARG F 12 10.48 -16.15 24.50
C ARG F 12 9.05 -15.72 24.84
N PRO F 13 8.14 -16.66 25.11
CA PRO F 13 6.72 -16.30 25.23
C PRO F 13 6.45 -15.55 26.52
N SER F 14 5.51 -14.60 26.45
CA SER F 14 5.01 -13.90 27.63
C SER F 14 4.09 -14.83 28.42
N ASN F 15 3.65 -14.34 29.59
CA ASN F 15 2.72 -15.09 30.42
C ASN F 15 1.37 -15.21 29.72
N GLU F 16 0.96 -14.15 29.01
CA GLU F 16 -0.27 -14.18 28.23
C GLU F 16 -0.21 -15.26 27.14
N ASP F 17 0.94 -15.32 26.44
CA ASP F 17 1.17 -16.33 25.41
C ASP F 17 1.00 -17.73 26.01
N LYS F 18 1.67 -17.96 27.15
CA LYS F 18 1.64 -19.28 27.77
C LYS F 18 0.22 -19.66 28.17
N GLN F 19 -0.55 -18.69 28.69
CA GLN F 19 -1.90 -18.97 29.17
C GLN F 19 -2.83 -19.31 28.02
N LEU F 20 -2.73 -18.57 26.90
CA LEU F 20 -3.55 -18.83 25.73
C LEU F 20 -3.17 -20.15 25.04
N LEU F 21 -1.86 -20.39 24.83
CA LEU F 21 -1.42 -21.42 23.91
C LEU F 21 -1.25 -22.80 24.57
N THR F 22 -0.80 -22.81 25.82
CA THR F 22 -0.37 -24.04 26.48
C THR F 22 -1.50 -25.08 26.51
N PRO F 23 -2.75 -24.75 26.93
CA PRO F 23 -3.80 -25.76 27.00
C PRO F 23 -4.08 -26.46 25.68
N VAL F 24 -4.06 -25.66 24.60
CA VAL F 24 -4.39 -26.12 23.27
C VAL F 24 -3.28 -27.05 22.79
N VAL F 25 -2.03 -26.67 23.04
CA VAL F 25 -0.89 -27.48 22.63
C VAL F 25 -0.85 -28.78 23.42
N LYS F 26 -1.10 -28.68 24.73
CA LYS F 26 -1.06 -29.84 25.60
C LYS F 26 -2.09 -30.89 25.14
N ASP F 27 -3.31 -30.44 24.87
CA ASP F 27 -4.36 -31.33 24.40
C ASP F 27 -3.98 -31.97 23.06
N TYR F 28 -3.37 -31.19 22.16
CA TYR F 28 -2.98 -31.69 20.86
C TYR F 28 -1.92 -32.79 21.00
N ILE F 29 -0.91 -32.54 21.83
CA ILE F 29 0.15 -33.52 22.05
C ILE F 29 -0.46 -34.81 22.59
N ALA F 30 -1.32 -34.68 23.60
CA ALA F 30 -1.98 -35.82 24.21
C ALA F 30 -2.67 -36.69 23.17
N GLN F 31 -3.43 -36.06 22.27
CA GLN F 31 -4.17 -36.78 21.25
C GLN F 31 -3.22 -37.40 20.23
N GLN F 32 -2.15 -36.70 19.86
CA GLN F 32 -1.22 -37.22 18.87
C GLN F 32 -0.48 -38.43 19.44
N LEU F 33 -0.08 -38.40 20.72
CA LEU F 33 0.80 -39.43 21.26
C LEU F 33 0.00 -40.49 22.01
N GLY F 34 -1.27 -40.21 22.33
CA GLY F 34 -2.09 -41.16 23.05
C GLY F 34 -1.79 -41.16 24.55
N ARG F 35 -1.16 -40.09 25.04
CA ARG F 35 -0.97 -39.94 26.48
C ARG F 35 -0.62 -38.50 26.80
N GLU F 36 -1.13 -38.01 27.92
CA GLU F 36 -0.88 -36.66 28.38
C GLU F 36 0.60 -36.48 28.69
N PRO F 37 1.25 -35.42 28.15
CA PRO F 37 2.64 -35.15 28.47
C PRO F 37 2.80 -34.62 29.90
N SER F 38 3.99 -34.81 30.46
CA SER F 38 4.30 -34.42 31.83
C SER F 38 4.76 -32.96 31.87
N GLU F 39 5.80 -32.65 31.08
CA GLU F 39 6.28 -31.29 30.94
C GLU F 39 5.99 -30.83 29.52
N VAL F 40 5.33 -29.66 29.40
CA VAL F 40 5.22 -28.95 28.14
C VAL F 40 5.71 -27.53 28.35
N LYS F 41 6.73 -27.16 27.57
CA LYS F 41 7.32 -25.86 27.65
C LYS F 41 7.42 -25.26 26.25
N ILE F 42 6.78 -24.11 26.10
CA ILE F 42 6.89 -23.31 24.89
C ILE F 42 8.14 -22.46 25.07
N THR F 43 9.14 -22.57 24.18
CA THR F 43 10.42 -21.89 24.39
C THR F 43 10.58 -20.68 23.48
N GLU F 44 9.79 -20.62 22.40
CA GLU F 44 9.93 -19.59 21.39
C GLU F 44 8.60 -19.44 20.67
N VAL F 45 8.26 -18.20 20.31
CA VAL F 45 7.02 -17.90 19.64
C VAL F 45 7.29 -16.86 18.56
N SER F 46 6.62 -17.04 17.42
CA SER F 46 6.65 -16.10 16.33
C SER F 46 5.23 -15.94 15.80
N ARG F 47 4.80 -14.72 15.51
CA ARG F 47 3.40 -14.46 15.16
C ARG F 47 3.27 -14.01 13.72
N GLN F 48 2.14 -14.39 13.10
CA GLN F 48 1.81 -13.97 11.76
C GLN F 48 0.34 -13.55 11.74
N ILE F 49 0.05 -12.32 11.32
CA ILE F 49 -1.32 -11.91 11.07
C ILE F 49 -1.80 -12.55 9.77
N VAL F 50 -2.99 -13.17 9.80
CA VAL F 50 -3.58 -13.78 8.64
C VAL F 50 -4.99 -13.25 8.41
N ASN F 51 -5.22 -12.72 7.23
CA ASN F 51 -6.55 -12.37 6.78
C ASN F 51 -6.78 -13.14 5.49
N GLY F 52 -7.89 -13.86 5.41
CA GLY F 52 -8.17 -14.67 4.24
C GLY F 52 -9.56 -15.28 4.30
N THR F 53 -9.74 -16.38 3.56
CA THR F 53 -10.98 -17.12 3.67
C THR F 53 -10.69 -18.61 3.74
N ASN F 54 -11.45 -19.30 4.61
CA ASN F 54 -11.51 -20.74 4.60
C ASN F 54 -12.59 -21.18 3.63
N HIS F 55 -12.21 -22.06 2.69
CA HIS F 55 -13.17 -22.73 1.83
C HIS F 55 -13.38 -24.15 2.36
N PHE F 56 -14.59 -24.46 2.78
CA PHE F 56 -14.95 -25.82 3.16
C PHE F 56 -15.55 -26.47 1.91
N LEU F 57 -15.00 -27.61 1.51
CA LEU F 57 -15.31 -28.24 0.24
C LEU F 57 -15.78 -29.67 0.51
N LYS F 58 -16.80 -30.08 -0.24
CA LYS F 58 -17.10 -31.49 -0.42
C LYS F 58 -16.46 -31.98 -1.70
N VAL F 59 -15.65 -33.02 -1.59
CA VAL F 59 -14.81 -33.48 -2.70
C VAL F 59 -15.02 -34.98 -2.90
N GLU F 60 -15.41 -35.36 -4.10
CA GLU F 60 -15.67 -36.73 -4.48
C GLU F 60 -14.54 -37.22 -5.36
N HIS F 61 -13.97 -38.36 -5.00
CA HIS F 61 -12.86 -38.95 -5.74
C HIS F 61 -13.01 -40.46 -5.67
N ASP F 62 -13.18 -41.09 -6.85
CA ASP F 62 -13.20 -42.53 -7.00
C ASP F 62 -14.16 -43.19 -6.02
N GLY F 63 -15.35 -42.60 -5.87
CA GLY F 63 -16.42 -43.18 -5.07
C GLY F 63 -16.25 -42.94 -3.57
N ASN F 64 -15.32 -42.05 -3.18
CA ASN F 64 -15.21 -41.63 -1.79
C ASN F 64 -15.52 -40.14 -1.71
N CYS F 65 -15.93 -39.72 -0.53
CA CYS F 65 -16.24 -38.33 -0.26
C CYS F 65 -15.44 -37.87 0.95
N TRP F 66 -14.69 -36.78 0.76
CA TRP F 66 -14.00 -36.08 1.85
C TRP F 66 -14.55 -34.67 1.97
N HIS F 67 -14.59 -34.15 3.20
CA HIS F 67 -14.65 -32.72 3.41
C HIS F 67 -13.23 -32.20 3.60
N VAL F 68 -12.94 -31.06 2.95
CA VAL F 68 -11.59 -30.52 2.92
C VAL F 68 -11.68 -29.03 3.27
N ARG F 69 -10.80 -28.62 4.18
CA ARG F 69 -10.70 -27.25 4.63
C ARG F 69 -9.48 -26.59 3.98
N VAL F 70 -9.72 -25.64 3.07
CA VAL F 70 -8.66 -25.02 2.30
C VAL F 70 -8.61 -23.54 2.69
N HIS F 71 -7.43 -23.08 3.12
CA HIS F 71 -7.24 -21.69 3.48
C HIS F 71 -6.65 -20.93 2.31
N GLU F 72 -7.23 -19.77 2.01
CA GLU F 72 -6.70 -18.87 0.99
C GLU F 72 -6.41 -17.51 1.63
N ALA F 73 -5.12 -17.17 1.78
CA ALA F 73 -4.76 -15.88 2.34
C ALA F 73 -4.97 -14.82 1.26
N LEU F 74 -5.38 -13.61 1.68
CA LEU F 74 -5.46 -12.50 0.74
C LEU F 74 -4.08 -12.25 0.14
N PRO F 75 -3.97 -11.68 -1.08
CA PRO F 75 -2.70 -11.33 -1.69
C PRO F 75 -1.76 -10.53 -0.78
N CYS F 76 -2.30 -9.53 -0.08
CA CYS F 76 -1.45 -8.71 0.77
C CYS F 76 -1.13 -9.39 2.10
N TYR F 77 -1.62 -10.63 2.31
CA TYR F 77 -1.22 -11.45 3.44
C TYR F 77 -0.47 -12.69 2.97
N GLY F 78 0.08 -12.66 1.76
CA GLY F 78 1.00 -13.69 1.31
C GLY F 78 0.41 -14.60 0.23
N GLY F 79 -0.92 -14.61 0.09
CA GLY F 79 -1.56 -15.27 -1.04
C GLY F 79 -1.52 -16.81 -1.01
N LYS F 80 -1.03 -17.44 0.06
CA LYS F 80 -0.90 -18.90 0.04
C LYS F 80 -2.27 -19.58 0.09
N VAL F 81 -2.34 -20.69 -0.66
CA VAL F 81 -3.52 -21.53 -0.73
C VAL F 81 -3.12 -22.93 -0.27
N GLU F 82 -3.72 -23.42 0.82
CA GLU F 82 -3.23 -24.59 1.51
C GLU F 82 -4.40 -25.39 2.07
N VAL F 83 -4.29 -26.72 2.06
CA VAL F 83 -5.27 -27.52 2.77
C VAL F 83 -4.84 -27.61 4.23
N HIS F 84 -5.77 -27.34 5.15
CA HIS F 84 -5.48 -27.36 6.57
C HIS F 84 -6.04 -28.61 7.25
N SER F 85 -7.07 -29.26 6.69
CA SER F 85 -7.43 -30.59 7.11
C SER F 85 -8.45 -31.22 6.16
N HIS F 86 -8.71 -32.49 6.40
CA HIS F 86 -9.76 -33.23 5.72
C HIS F 86 -10.37 -34.23 6.70
N LYS F 87 -11.56 -34.69 6.36
CA LYS F 87 -12.25 -35.77 7.06
C LYS F 87 -13.02 -36.59 6.03
N VAL F 88 -13.17 -37.88 6.31
CA VAL F 88 -14.03 -38.73 5.51
C VAL F 88 -15.47 -38.34 5.85
N ALA F 89 -16.31 -38.21 4.82
CA ALA F 89 -17.72 -37.93 4.99
C ALA F 89 -18.54 -38.79 4.03
N SER F 90 -19.87 -38.71 4.10
CA SER F 90 -20.78 -39.23 3.11
C SER F 90 -21.35 -38.06 2.31
N VAL F 91 -21.84 -38.37 1.09
CA VAL F 91 -22.47 -37.41 0.21
C VAL F 91 -23.59 -36.66 0.91
N GLY F 92 -24.33 -37.30 1.83
CA GLY F 92 -25.46 -36.67 2.47
C GLY F 92 -25.08 -35.81 3.68
N ASP F 93 -23.81 -35.84 4.11
CA ASP F 93 -23.43 -35.09 5.30
C ASP F 93 -23.49 -33.60 5.00
N PRO F 94 -23.97 -32.74 5.94
CA PRO F 94 -23.90 -31.31 5.72
C PRO F 94 -22.44 -30.83 5.74
N LEU F 95 -22.16 -29.81 4.93
CA LEU F 95 -20.83 -29.22 4.87
C LEU F 95 -20.75 -28.15 5.96
N THR F 96 -20.12 -28.47 7.08
CA THR F 96 -20.04 -27.55 8.19
C THR F 96 -18.57 -27.38 8.60
N TYR F 97 -18.35 -26.37 9.43
CA TYR F 97 -17.05 -26.10 10.02
C TYR F 97 -16.53 -27.36 10.68
N PHE F 98 -15.24 -27.66 10.46
CA PHE F 98 -14.62 -28.80 11.15
C PHE F 98 -13.11 -28.53 11.23
N LEU F 99 -12.49 -29.26 12.15
CA LEU F 99 -11.03 -29.37 12.20
C LEU F 99 -10.73 -30.78 12.67
N GLU F 100 -10.08 -31.59 11.85
CA GLU F 100 -9.88 -33.01 12.10
C GLU F 100 -8.37 -33.28 12.18
N HIS F 101 -7.93 -33.87 13.29
CA HIS F 101 -6.54 -34.29 13.45
C HIS F 101 -6.52 -35.81 13.26
N HIS F 102 -5.59 -36.33 12.47
CA HIS F 102 -5.66 -37.73 12.06
C HIS F 102 -5.04 -38.71 13.06
N HIS F 103 -3.86 -38.43 13.62
CA HIS F 103 -3.27 -39.42 14.52
C HIS F 103 -3.33 -38.92 15.97
N CYS G 4 -2.82 -4.17 -2.89
CA CYS G 4 -3.66 -4.29 -1.67
C CYS G 4 -5.06 -3.74 -1.91
N GLY G 5 -6.09 -4.43 -1.40
CA GLY G 5 -7.46 -3.95 -1.52
C GLY G 5 -8.06 -4.14 -2.92
N GLY G 6 -7.57 -5.15 -3.64
CA GLY G 6 -7.90 -5.30 -5.05
C GLY G 6 -9.29 -5.90 -5.26
N LEU G 7 -9.85 -5.65 -6.44
CA LEU G 7 -11.15 -6.18 -6.83
C LEU G 7 -10.96 -7.56 -7.47
N THR G 8 -11.91 -8.46 -7.21
CA THR G 8 -11.93 -9.74 -7.91
C THR G 8 -12.32 -9.52 -9.37
N THR G 9 -12.00 -10.53 -10.20
CA THR G 9 -12.39 -10.54 -11.60
C THR G 9 -13.91 -10.47 -11.71
N SER G 10 -14.38 -9.58 -12.60
CA SER G 10 -15.80 -9.39 -12.82
C SER G 10 -16.41 -10.69 -13.31
N VAL G 11 -17.57 -11.05 -12.77
CA VAL G 11 -18.32 -12.22 -13.21
C VAL G 11 -19.79 -11.85 -13.28
N ARG G 12 -20.59 -12.72 -13.88
CA ARG G 12 -22.04 -12.62 -13.79
C ARG G 12 -22.42 -12.91 -12.35
N PRO G 13 -23.46 -12.25 -11.81
CA PRO G 13 -23.98 -12.64 -10.50
C PRO G 13 -24.64 -14.01 -10.52
N SER G 14 -24.53 -14.73 -9.39
CA SER G 14 -25.25 -16.00 -9.19
C SER G 14 -26.40 -15.97 -8.17
N ASN G 15 -26.32 -16.48 -6.92
CA ASN G 15 -27.34 -16.18 -5.93
C ASN G 15 -27.32 -14.70 -5.58
N GLU G 16 -26.11 -14.12 -5.58
CA GLU G 16 -25.77 -12.72 -5.36
C GLU G 16 -26.95 -11.77 -5.64
N ASP G 17 -27.68 -12.08 -6.72
CA ASP G 17 -28.84 -11.34 -7.15
C ASP G 17 -29.84 -11.15 -6.03
N LYS G 18 -30.18 -12.19 -5.29
CA LYS G 18 -31.24 -12.06 -4.28
C LYS G 18 -30.83 -11.07 -3.19
N GLN G 19 -29.56 -11.08 -2.79
CA GLN G 19 -29.09 -10.20 -1.72
C GLN G 19 -29.03 -8.75 -2.23
N LEU G 20 -28.46 -8.60 -3.41
CA LEU G 20 -27.99 -7.29 -3.84
C LEU G 20 -29.15 -6.55 -4.50
N LEU G 21 -29.79 -7.19 -5.48
CA LEU G 21 -30.72 -6.52 -6.38
C LEU G 21 -31.67 -5.61 -5.58
N THR G 22 -32.20 -6.08 -4.46
CA THR G 22 -33.28 -5.34 -3.80
C THR G 22 -32.80 -3.96 -3.36
N PRO G 23 -31.64 -3.79 -2.67
CA PRO G 23 -31.19 -2.49 -2.22
C PRO G 23 -31.00 -1.48 -3.36
N VAL G 24 -30.49 -1.98 -4.50
CA VAL G 24 -30.21 -1.14 -5.64
C VAL G 24 -31.52 -0.63 -6.24
N VAL G 25 -32.51 -1.52 -6.33
CA VAL G 25 -33.80 -1.15 -6.89
C VAL G 25 -34.51 -0.19 -5.93
N LYS G 26 -34.46 -0.51 -4.65
CA LYS G 26 -35.22 0.17 -3.63
C LYS G 26 -34.75 1.59 -3.53
N ASP G 27 -34.92 2.18 -2.33
CA ASP G 27 -34.78 3.59 -2.05
C ASP G 27 -33.70 4.27 -2.89
N TYR G 28 -32.58 3.58 -3.07
CA TYR G 28 -31.53 4.10 -3.93
C TYR G 28 -31.87 3.81 -5.38
N ILE G 29 -32.03 4.88 -6.15
CA ILE G 29 -32.60 4.92 -7.50
C ILE G 29 -34.10 5.20 -7.41
N ALA G 30 -34.82 4.44 -6.57
CA ALA G 30 -36.22 4.78 -6.30
C ALA G 30 -36.30 6.18 -5.70
N GLN G 31 -35.41 6.44 -4.73
CA GLN G 31 -35.20 7.76 -4.16
C GLN G 31 -34.00 8.45 -4.83
N GLN G 32 -34.22 9.72 -5.18
CA GLN G 32 -33.41 10.44 -6.17
C GLN G 32 -33.36 9.60 -7.44
N LEU G 33 -33.36 10.20 -8.62
CA LEU G 33 -33.20 9.42 -9.86
C LEU G 33 -34.57 9.04 -10.46
N GLY G 34 -35.59 9.82 -10.11
CA GLY G 34 -36.99 9.48 -10.42
C GLY G 34 -37.49 8.50 -9.36
N ARG G 35 -38.67 7.88 -9.62
CA ARG G 35 -39.24 6.92 -8.71
C ARG G 35 -39.71 5.64 -9.42
N GLU G 36 -39.56 4.53 -8.71
CA GLU G 36 -40.06 3.23 -9.11
C GLU G 36 -39.43 2.78 -10.43
N PRO G 37 -38.21 2.20 -10.40
CA PRO G 37 -37.56 1.70 -11.60
C PRO G 37 -38.21 0.42 -12.12
N SER G 38 -38.12 0.18 -13.42
CA SER G 38 -38.87 -0.89 -14.06
C SER G 38 -37.99 -2.14 -14.09
N GLU G 39 -36.85 -2.02 -14.78
CA GLU G 39 -36.08 -3.20 -15.18
C GLU G 39 -34.71 -3.11 -14.51
N VAL G 40 -34.33 -4.18 -13.80
CA VAL G 40 -33.07 -4.25 -13.07
C VAL G 40 -32.57 -5.67 -13.30
N LYS G 41 -31.34 -5.81 -13.82
CA LYS G 41 -30.82 -7.15 -14.08
C LYS G 41 -29.44 -7.41 -13.47
N ILE G 42 -28.71 -6.36 -13.07
CA ILE G 42 -27.30 -6.45 -12.73
C ILE G 42 -26.48 -6.70 -13.99
N THR G 43 -25.69 -7.77 -14.03
CA THR G 43 -25.04 -8.27 -15.24
C THR G 43 -23.55 -8.46 -14.94
N GLU G 44 -22.97 -7.71 -14.00
CA GLU G 44 -21.56 -7.88 -13.69
C GLU G 44 -21.31 -7.49 -12.24
N VAL G 45 -20.46 -8.26 -11.55
CA VAL G 45 -20.22 -8.07 -10.13
C VAL G 45 -18.74 -8.33 -9.87
N SER G 46 -18.19 -7.49 -8.99
CA SER G 46 -16.78 -7.54 -8.63
C SER G 46 -16.71 -7.21 -7.15
N ARG G 47 -15.89 -7.95 -6.38
CA ARG G 47 -15.90 -7.80 -4.92
C ARG G 47 -14.56 -7.27 -4.44
N GLN G 48 -14.61 -6.46 -3.39
CA GLN G 48 -13.41 -6.00 -2.71
C GLN G 48 -13.61 -6.20 -1.22
N ILE G 49 -12.72 -6.96 -0.59
CA ILE G 49 -12.73 -7.07 0.87
C ILE G 49 -12.15 -5.79 1.46
N VAL G 50 -12.83 -5.20 2.44
CA VAL G 50 -12.37 -3.97 3.05
C VAL G 50 -12.39 -4.12 4.57
N ASN G 51 -11.25 -3.82 5.19
CA ASN G 51 -11.18 -3.53 6.61
C ASN G 51 -10.66 -2.12 6.75
N GLY G 52 -11.32 -1.35 7.61
CA GLY G 52 -10.86 0.00 7.90
C GLY G 52 -11.70 0.62 9.01
N THR G 53 -11.72 1.95 9.05
CA THR G 53 -12.46 2.63 10.08
C THR G 53 -13.22 3.79 9.46
N ASN G 54 -14.48 3.92 9.90
CA ASN G 54 -15.26 5.10 9.61
C ASN G 54 -14.99 6.14 10.68
N HIS G 55 -14.64 7.34 10.24
CA HIS G 55 -14.58 8.49 11.12
C HIS G 55 -15.83 9.33 10.87
N PHE G 56 -16.70 9.44 11.89
CA PHE G 56 -17.83 10.34 11.84
C PHE G 56 -17.39 11.66 12.47
N LEU G 57 -17.57 12.75 11.73
CA LEU G 57 -17.03 14.06 12.09
C LEU G 57 -18.20 15.04 12.15
N LYS G 58 -18.19 15.92 13.16
CA LYS G 58 -18.91 17.18 13.13
C LYS G 58 -17.97 18.27 12.63
N VAL G 59 -18.34 18.94 11.54
CA VAL G 59 -17.50 19.93 10.90
C VAL G 59 -18.26 21.25 10.81
N GLU G 60 -17.61 22.31 11.28
CA GLU G 60 -18.12 23.67 11.12
C GLU G 60 -17.31 24.38 10.05
N HIS G 61 -17.99 24.94 9.05
CA HIS G 61 -17.34 25.62 7.95
C HIS G 61 -18.18 26.83 7.57
N ASP G 62 -17.59 28.02 7.77
CA ASP G 62 -18.19 29.28 7.35
C ASP G 62 -19.62 29.43 7.86
N GLY G 63 -19.83 29.07 9.13
CA GLY G 63 -21.10 29.26 9.79
C GLY G 63 -22.13 28.20 9.46
N ASN G 64 -21.72 27.09 8.80
CA ASN G 64 -22.60 25.95 8.59
C ASN G 64 -22.01 24.72 9.31
N CYS G 65 -22.87 23.74 9.54
CA CYS G 65 -22.49 22.56 10.30
C CYS G 65 -22.94 21.32 9.53
N TRP G 66 -21.95 20.46 9.19
CA TRP G 66 -22.19 19.20 8.54
C TRP G 66 -21.72 18.05 9.44
N HIS G 67 -22.41 16.90 9.37
CA HIS G 67 -21.80 15.64 9.77
C HIS G 67 -21.24 14.98 8.53
N VAL G 68 -20.02 14.43 8.64
CA VAL G 68 -19.30 13.86 7.52
C VAL G 68 -18.79 12.47 7.92
N ARG G 69 -18.99 11.52 7.01
CA ARG G 69 -18.52 10.15 7.17
C ARG G 69 -17.29 9.95 6.28
N VAL G 70 -16.12 9.79 6.89
CA VAL G 70 -14.89 9.58 6.17
C VAL G 70 -14.41 8.15 6.42
N HIS G 71 -14.19 7.38 5.34
CA HIS G 71 -13.70 6.02 5.46
C HIS G 71 -12.19 6.02 5.26
N GLU G 72 -11.48 5.33 6.16
CA GLU G 72 -10.05 5.12 6.02
C GLU G 72 -9.76 3.62 6.01
N ALA G 73 -9.33 3.09 4.85
CA ALA G 73 -8.94 1.70 4.73
C ALA G 73 -7.60 1.50 5.44
N LEU G 74 -7.44 0.32 6.04
CA LEU G 74 -6.15 -0.06 6.63
C LEU G 74 -5.11 -0.10 5.51
N PRO G 75 -3.81 0.10 5.84
CA PRO G 75 -2.73 0.04 4.84
C PRO G 75 -2.74 -1.23 3.99
N CYS G 76 -2.98 -2.40 4.59
CA CYS G 76 -2.97 -3.63 3.80
C CYS G 76 -4.27 -3.83 3.02
N TYR G 77 -5.20 -2.88 3.13
CA TYR G 77 -6.39 -2.89 2.29
C TYR G 77 -6.39 -1.67 1.36
N GLY G 78 -5.23 -1.05 1.13
CA GLY G 78 -5.10 -0.02 0.11
C GLY G 78 -4.89 1.38 0.69
N GLY G 79 -5.23 1.60 1.96
CA GLY G 79 -4.91 2.85 2.64
C GLY G 79 -5.74 4.07 2.18
N LYS G 80 -6.75 3.90 1.32
CA LYS G 80 -7.46 5.07 0.81
C LYS G 80 -8.34 5.73 1.87
N VAL G 81 -8.37 7.07 1.83
CA VAL G 81 -9.18 7.89 2.70
C VAL G 81 -10.17 8.67 1.83
N GLU G 82 -11.46 8.51 2.08
CA GLU G 82 -12.49 9.05 1.20
C GLU G 82 -13.69 9.51 2.04
N VAL G 83 -14.37 10.57 1.60
CA VAL G 83 -15.66 10.93 2.17
C VAL G 83 -16.72 10.04 1.54
N HIS G 84 -17.56 9.41 2.36
CA HIS G 84 -18.61 8.55 1.86
C HIS G 84 -19.99 9.21 1.93
N SER G 85 -20.20 10.15 2.87
CA SER G 85 -21.40 10.97 2.81
C SER G 85 -21.30 12.14 3.78
N HIS G 86 -22.27 13.03 3.65
CA HIS G 86 -22.45 14.12 4.59
C HIS G 86 -23.93 14.40 4.74
N LYS G 87 -24.27 15.09 5.82
CA LYS G 87 -25.61 15.63 6.01
C LYS G 87 -25.48 16.97 6.72
N VAL G 88 -26.41 17.88 6.43
CA VAL G 88 -26.52 19.13 7.15
C VAL G 88 -27.04 18.79 8.54
N ALA G 89 -26.44 19.38 9.57
CA ALA G 89 -26.87 19.13 10.93
C ALA G 89 -26.89 20.44 11.72
N SER G 90 -27.53 20.41 12.89
CA SER G 90 -27.45 21.51 13.84
C SER G 90 -26.33 21.23 14.84
N VAL G 91 -25.78 22.29 15.42
CA VAL G 91 -24.67 22.21 16.36
C VAL G 91 -25.02 21.26 17.51
N GLY G 92 -26.30 21.25 17.92
CA GLY G 92 -26.73 20.50 19.08
C GLY G 92 -27.06 19.04 18.76
N ASP G 93 -27.05 18.64 17.49
CA ASP G 93 -27.40 17.27 17.12
C ASP G 93 -26.31 16.33 17.63
N PRO G 94 -26.63 15.14 18.18
CA PRO G 94 -25.60 14.18 18.51
C PRO G 94 -24.94 13.63 17.24
N LEU G 95 -23.64 13.33 17.33
CA LEU G 95 -22.89 12.72 16.25
C LEU G 95 -23.09 11.22 16.31
N THR G 96 -23.94 10.69 15.43
CA THR G 96 -24.24 9.26 15.43
C THR G 96 -23.99 8.70 14.02
N TYR G 97 -24.07 7.38 13.93
CA TYR G 97 -23.97 6.67 12.65
C TYR G 97 -25.03 7.24 11.71
N PHE G 98 -24.66 7.47 10.44
CA PHE G 98 -25.63 7.93 9.46
C PHE G 98 -25.16 7.54 8.07
N LEU G 99 -26.11 7.51 7.13
CA LEU G 99 -25.81 7.44 5.71
C LEU G 99 -26.85 8.28 5.00
N GLU G 100 -26.44 9.36 4.34
CA GLU G 100 -27.35 10.27 3.65
C GLU G 100 -27.06 10.24 2.16
N HIS G 101 -28.07 10.03 1.31
CA HIS G 101 -27.86 9.92 -0.12
C HIS G 101 -27.94 11.28 -0.83
N CYS H 4 -20.51 -15.17 15.09
CA CYS H 4 -19.28 -14.60 14.47
C CYS H 4 -18.49 -15.69 13.77
N GLY H 5 -17.88 -15.39 12.62
CA GLY H 5 -17.07 -16.36 11.90
C GLY H 5 -17.90 -17.43 11.15
N GLY H 6 -19.13 -17.07 10.77
CA GLY H 6 -20.07 -18.05 10.26
C GLY H 6 -19.78 -18.38 8.79
N LEU H 7 -20.25 -19.57 8.39
CA LEU H 7 -20.10 -20.06 7.02
C LEU H 7 -21.23 -19.51 6.14
N THR H 8 -20.90 -19.20 4.89
CA THR H 8 -21.93 -18.84 3.91
C THR H 8 -22.74 -20.08 3.54
N THR H 9 -23.92 -19.84 2.95
CA THR H 9 -24.75 -20.87 2.36
C THR H 9 -23.97 -21.65 1.31
N SER H 10 -24.08 -22.98 1.39
CA SER H 10 -23.47 -23.89 0.44
C SER H 10 -23.92 -23.57 -0.99
N VAL H 11 -22.96 -23.55 -1.91
CA VAL H 11 -23.27 -23.44 -3.32
C VAL H 11 -22.42 -24.46 -4.09
N ARG H 12 -22.80 -24.69 -5.34
CA ARG H 12 -21.94 -25.45 -6.25
C ARG H 12 -20.79 -24.52 -6.61
N PRO H 13 -19.55 -25.03 -6.79
CA PRO H 13 -18.42 -24.17 -7.05
C PRO H 13 -18.48 -23.50 -8.41
N SER H 14 -18.00 -22.25 -8.48
CA SER H 14 -17.87 -21.53 -9.72
C SER H 14 -16.69 -22.09 -10.51
N ASN H 15 -16.52 -21.60 -11.74
CA ASN H 15 -15.40 -22.04 -12.56
C ASN H 15 -14.09 -21.53 -11.96
N GLU H 16 -14.12 -20.33 -11.39
CA GLU H 16 -12.96 -19.77 -10.70
C GLU H 16 -12.57 -20.65 -9.52
N ASP H 17 -13.56 -21.07 -8.70
CA ASP H 17 -13.34 -21.96 -7.59
C ASP H 17 -12.65 -23.24 -8.07
N LYS H 18 -13.17 -23.85 -9.13
CA LYS H 18 -12.66 -25.12 -9.60
C LYS H 18 -11.21 -24.96 -10.07
N GLN H 19 -10.91 -23.84 -10.73
CA GLN H 19 -9.58 -23.62 -11.29
C GLN H 19 -8.56 -23.41 -10.19
N LEU H 20 -8.92 -22.62 -9.17
CA LEU H 20 -8.02 -22.34 -8.07
C LEU H 20 -7.83 -23.55 -7.15
N LEU H 21 -8.93 -24.21 -6.78
CA LEU H 21 -8.92 -25.13 -5.65
C LEU H 21 -8.65 -26.56 -6.09
N THR H 22 -9.07 -26.96 -7.29
CA THR H 22 -8.99 -28.36 -7.67
C THR H 22 -7.55 -28.87 -7.64
N PRO H 23 -6.55 -28.17 -8.24
CA PRO H 23 -5.17 -28.64 -8.22
C PRO H 23 -4.61 -28.86 -6.83
N VAL H 24 -4.94 -27.96 -5.91
CA VAL H 24 -4.43 -27.99 -4.55
C VAL H 24 -5.01 -29.21 -3.83
N VAL H 25 -6.31 -29.45 -4.03
CA VAL H 25 -6.97 -30.57 -3.38
C VAL H 25 -6.45 -31.88 -3.97
N LYS H 26 -6.31 -31.93 -5.30
CA LYS H 26 -5.86 -33.11 -6.00
C LYS H 26 -4.48 -33.53 -5.50
N ASP H 27 -3.56 -32.57 -5.39
CA ASP H 27 -2.22 -32.83 -4.89
C ASP H 27 -2.26 -33.36 -3.46
N TYR H 28 -3.13 -32.76 -2.63
CA TYR H 28 -3.23 -33.18 -1.24
C TYR H 28 -3.71 -34.64 -1.15
N ILE H 29 -4.73 -34.98 -1.93
CA ILE H 29 -5.28 -36.33 -1.91
C ILE H 29 -4.19 -37.32 -2.33
N ALA H 30 -3.49 -36.99 -3.42
CA ALA H 30 -2.42 -37.85 -3.93
C ALA H 30 -1.40 -38.15 -2.84
N GLN H 31 -0.97 -37.11 -2.10
CA GLN H 31 0.01 -37.30 -1.05
C GLN H 31 -0.56 -38.09 0.12
N GLN H 32 -1.84 -37.88 0.45
CA GLN H 32 -2.44 -38.61 1.56
C GLN H 32 -2.58 -40.09 1.22
N LEU H 33 -2.93 -40.42 -0.02
CA LEU H 33 -3.23 -41.82 -0.37
C LEU H 33 -2.02 -42.51 -1.00
N GLY H 34 -1.01 -41.74 -1.42
CA GLY H 34 0.19 -42.28 -2.00
C GLY H 34 0.00 -42.66 -3.47
N ARG H 35 -1.05 -42.12 -4.10
CA ARG H 35 -1.24 -42.29 -5.53
C ARG H 35 -2.24 -41.27 -6.04
N GLU H 36 -2.02 -40.81 -7.27
CA GLU H 36 -2.84 -39.78 -7.89
C GLU H 36 -4.25 -40.32 -8.10
N PRO H 37 -5.30 -39.58 -7.68
CA PRO H 37 -6.67 -39.97 -7.99
C PRO H 37 -7.00 -39.75 -9.45
N SER H 38 -8.00 -40.48 -9.95
CA SER H 38 -8.42 -40.42 -11.33
C SER H 38 -9.43 -39.28 -11.55
N GLU H 39 -10.50 -39.28 -10.76
CA GLU H 39 -11.46 -38.18 -10.77
C GLU H 39 -11.38 -37.44 -9.44
N VAL H 40 -11.23 -36.11 -9.51
CA VAL H 40 -11.41 -35.26 -8.36
C VAL H 40 -12.39 -34.15 -8.74
N LYS H 41 -13.51 -34.10 -8.02
CA LYS H 41 -14.56 -33.15 -8.33
C LYS H 41 -15.01 -32.50 -7.03
N ILE H 42 -14.95 -31.17 -6.98
CA ILE H 42 -15.53 -30.41 -5.89
C ILE H 42 -17.01 -30.24 -6.19
N THR H 43 -17.91 -30.68 -5.30
CA THR H 43 -19.34 -30.68 -5.59
C THR H 43 -20.07 -29.60 -4.81
N GLU H 44 -19.48 -29.07 -3.74
CA GLU H 44 -20.16 -28.11 -2.88
C GLU H 44 -19.10 -27.28 -2.16
N VAL H 45 -19.40 -26.01 -1.87
CA VAL H 45 -18.46 -25.12 -1.22
C VAL H 45 -19.23 -24.23 -0.26
N SER H 46 -18.59 -23.93 0.87
CA SER H 46 -19.09 -22.96 1.84
C SER H 46 -17.88 -22.17 2.34
N ARG H 47 -18.01 -20.86 2.49
CA ARG H 47 -16.85 -19.99 2.77
C ARG H 47 -16.97 -19.35 4.14
N GLN H 48 -15.82 -19.07 4.75
CA GLN H 48 -15.77 -18.38 6.03
C GLN H 48 -14.65 -17.35 5.94
N ILE H 49 -14.98 -16.08 6.17
CA ILE H 49 -13.94 -15.06 6.27
C ILE H 49 -13.27 -15.21 7.64
N VAL H 50 -11.94 -15.23 7.67
CA VAL H 50 -11.20 -15.37 8.90
C VAL H 50 -10.13 -14.29 8.96
N ASN H 51 -10.09 -13.57 10.06
CA ASN H 51 -8.96 -12.77 10.45
C ASN H 51 -8.51 -13.29 11.81
N GLY H 52 -7.21 -13.53 11.92
CA GLY H 52 -6.63 -13.87 13.20
C GLY H 52 -5.11 -13.89 13.10
N THR H 53 -4.49 -14.68 13.99
CA THR H 53 -3.05 -14.77 13.96
C THR H 53 -2.62 -16.22 14.07
N ASN H 54 -1.62 -16.58 13.27
CA ASN H 54 -0.90 -17.81 13.45
C ASN H 54 0.24 -17.60 14.44
N HIS H 55 0.27 -18.44 15.48
CA HIS H 55 1.40 -18.51 16.38
C HIS H 55 2.24 -19.72 16.00
N PHE H 56 3.48 -19.49 15.58
CA PHE H 56 4.43 -20.57 15.38
C PHE H 56 5.23 -20.74 16.67
N LEU H 57 5.24 -21.95 17.21
CA LEU H 57 5.76 -22.25 18.53
C LEU H 57 6.85 -23.31 18.42
N LYS H 58 7.91 -23.14 19.19
CA LYS H 58 8.83 -24.21 19.52
C LYS H 58 8.43 -24.75 20.89
N VAL H 59 8.15 -26.05 20.95
CA VAL H 59 7.64 -26.69 22.13
C VAL H 59 8.56 -27.86 22.49
N GLU H 60 8.99 -27.89 23.75
CA GLU H 60 9.71 -29.03 24.30
C GLU H 60 8.75 -29.77 25.24
N HIS H 61 8.61 -31.07 25.01
CA HIS H 61 7.72 -31.90 25.81
C HIS H 61 8.38 -33.26 25.99
N ASP H 62 8.68 -33.59 27.25
CA ASP H 62 9.18 -34.90 27.64
C ASP H 62 10.36 -35.32 26.77
N GLY H 63 11.29 -34.40 26.55
CA GLY H 63 12.53 -34.68 25.87
C GLY H 63 12.39 -34.71 24.35
N ASN H 64 11.25 -34.29 23.79
CA ASN H 64 11.10 -34.12 22.35
C ASN H 64 10.83 -32.65 22.03
N CYS H 65 11.08 -32.29 20.77
CA CYS H 65 10.95 -30.92 20.33
C CYS H 65 10.11 -30.86 19.06
N TRP H 66 8.99 -30.13 19.12
CA TRP H 66 8.12 -29.93 17.98
C TRP H 66 8.03 -28.45 17.63
N HIS H 67 7.85 -28.14 16.34
CA HIS H 67 7.29 -26.86 15.96
C HIS H 67 5.79 -27.05 15.73
N VAL H 68 4.99 -26.11 16.25
CA VAL H 68 3.55 -26.19 16.22
C VAL H 68 2.98 -24.88 15.68
N ARG H 69 2.02 -25.02 14.76
CA ARG H 69 1.30 -23.91 14.19
C ARG H 69 -0.08 -23.82 14.84
N VAL H 70 -0.33 -22.76 15.61
CA VAL H 70 -1.60 -22.60 16.31
C VAL H 70 -2.29 -21.36 15.74
N HIS H 71 -3.54 -21.53 15.29
CA HIS H 71 -4.32 -20.42 14.78
C HIS H 71 -5.24 -19.88 15.88
N GLU H 72 -5.25 -18.56 16.05
CA GLU H 72 -6.17 -17.89 16.94
C GLU H 72 -7.00 -16.87 16.16
N ALA H 73 -8.29 -17.16 16.00
CA ALA H 73 -9.21 -16.25 15.32
C ALA H 73 -9.51 -15.09 16.26
N LEU H 74 -9.67 -13.89 15.70
CA LEU H 74 -10.10 -12.75 16.51
C LEU H 74 -11.47 -13.05 17.09
N PRO H 75 -11.85 -12.43 18.22
CA PRO H 75 -13.17 -12.60 18.82
C PRO H 75 -14.34 -12.42 17.85
N CYS H 76 -14.28 -11.38 17.00
CA CYS H 76 -15.35 -11.12 16.07
C CYS H 76 -15.32 -12.05 14.86
N TYR H 77 -14.35 -12.98 14.81
CA TYR H 77 -14.33 -14.02 13.80
C TYR H 77 -14.46 -15.39 14.46
N GLY H 78 -15.00 -15.45 15.68
CA GLY H 78 -15.35 -16.72 16.29
C GLY H 78 -14.46 -17.12 17.46
N GLY H 79 -13.27 -16.54 17.56
CA GLY H 79 -12.42 -16.70 18.73
C GLY H 79 -11.79 -18.09 18.90
N LYS H 80 -11.92 -18.99 17.93
CA LYS H 80 -11.38 -20.34 18.11
C LYS H 80 -9.85 -20.33 18.08
N VAL H 81 -9.28 -21.18 18.93
CA VAL H 81 -7.85 -21.43 19.03
C VAL H 81 -7.61 -22.91 18.72
N GLU H 82 -6.85 -23.20 17.68
CA GLU H 82 -6.70 -24.56 17.17
C GLU H 82 -5.28 -24.79 16.67
N VAL H 83 -4.80 -26.03 16.84
CA VAL H 83 -3.54 -26.43 16.23
C VAL H 83 -3.83 -26.80 14.78
N HIS H 84 -3.06 -26.25 13.84
CA HIS H 84 -3.25 -26.54 12.44
C HIS H 84 -2.19 -27.50 11.90
N SER H 85 -0.99 -27.55 12.51
CA SER H 85 -0.05 -28.60 12.20
C SER H 85 1.13 -28.59 13.17
N HIS H 86 1.94 -29.64 13.06
CA HIS H 86 3.18 -29.74 13.80
C HIS H 86 4.20 -30.48 12.94
N LYS H 87 5.47 -30.30 13.30
CA LYS H 87 6.53 -31.13 12.76
C LYS H 87 7.57 -31.35 13.87
N VAL H 88 8.26 -32.48 13.81
CA VAL H 88 9.40 -32.73 14.66
C VAL H 88 10.52 -31.80 14.24
N ALA H 89 11.18 -31.17 15.23
CA ALA H 89 12.28 -30.28 14.93
C ALA H 89 13.41 -30.48 15.92
N SER H 90 14.59 -29.93 15.61
CA SER H 90 15.70 -29.86 16.57
C SER H 90 15.63 -28.54 17.34
N VAL H 91 16.18 -28.53 18.55
CA VAL H 91 16.13 -27.36 19.42
C VAL H 91 16.76 -26.16 18.72
N GLY H 92 17.77 -26.39 17.88
CA GLY H 92 18.48 -25.31 17.24
C GLY H 92 17.82 -24.81 15.95
N ASP H 93 16.75 -25.45 15.48
CA ASP H 93 16.16 -25.08 14.21
C ASP H 93 15.53 -23.69 14.32
N PRO H 94 15.66 -22.82 13.30
CA PRO H 94 14.93 -21.55 13.31
C PRO H 94 13.42 -21.80 13.21
N LEU H 95 12.66 -20.92 13.87
CA LEU H 95 11.22 -21.02 13.90
C LEU H 95 10.69 -20.27 12.69
N THR H 96 10.29 -21.00 11.66
CA THR H 96 9.85 -20.37 10.41
C THR H 96 8.46 -20.90 10.05
N TYR H 97 7.85 -20.23 9.08
CA TYR H 97 6.57 -20.61 8.54
C TYR H 97 6.65 -22.05 8.05
N PHE H 98 5.63 -22.87 8.33
CA PHE H 98 5.61 -24.23 7.80
C PHE H 98 4.17 -24.73 7.75
N LEU H 99 3.95 -25.75 6.94
CA LEU H 99 2.75 -26.59 6.96
C LEU H 99 3.23 -28.02 6.67
N GLU H 100 3.01 -28.94 7.61
CA GLU H 100 3.34 -30.35 7.44
C GLU H 100 2.04 -31.15 7.44
N HIS H 101 1.85 -32.00 6.43
CA HIS H 101 0.68 -32.87 6.37
C HIS H 101 0.93 -34.21 7.07
#